data_9O8Y
#
_entry.id   9O8Y
#
_cell.length_a   86.264
_cell.length_b   88.645
_cell.length_c   117.291
_cell.angle_alpha   90.00
_cell.angle_beta   90.00
_cell.angle_gamma   90.00
#
_symmetry.space_group_name_H-M   'P 21 21 21'
#
loop_
_entity.id
_entity.type
_entity.pdbx_description
1 polymer '2,3,4,5-tetrahydropyridine-2,6-dicarboxylate N-succinyltransferase'
2 non-polymer 'CHLORIDE ION'
3 non-polymer 'SUCCINYL-COENZYME A'
4 water water
#
_entity_poly.entity_id   1
_entity_poly.type   'polypeptide(L)'
_entity_poly.pdbx_seq_one_letter_code
;MAHHHHHHTLDLQTTIEQAWENRANLSPVDASAEVRDAVEHTIDGLDLGRLRVAEKIDDQWIVHQWIKKAVLLSFRLHDN
AVMGQGPLQFYDKVPTKFAGYGEAAFKAGGYRVVPPAVARRGAFIARNVVLMPSYVNIGAYVDEGTMVDTWATVGSCAQI
GKNVHLSGGVGIGGVLEPLQANPTIIEDNCFIGARSEVVEGVVVEENSVLAMGVFLSQSTKIYDRATGKVSYGRVPSGSV
VVPGSLPSEDGSHSLACAVIVKRVDAQTRAKTSINDLL
;
_entity_poly.pdbx_strand_id   A,B,C
#
# COMPACT_ATOMS: atom_id res chain seq x y z
N LEU A 10 14.89 -28.21 -31.02
CA LEU A 10 14.11 -29.06 -30.12
C LEU A 10 12.92 -28.29 -29.57
N ASP A 11 12.05 -28.99 -28.85
CA ASP A 11 10.81 -28.40 -28.36
C ASP A 11 11.07 -27.61 -27.08
N LEU A 12 10.58 -26.37 -27.05
CA LEU A 12 10.82 -25.49 -25.90
C LEU A 12 10.32 -26.12 -24.61
N GLN A 13 9.06 -26.55 -24.60
CA GLN A 13 8.50 -27.21 -23.42
C GLN A 13 9.32 -28.43 -23.02
N THR A 14 9.75 -29.22 -23.99
CA THR A 14 10.52 -30.42 -23.67
C THR A 14 11.85 -30.06 -23.02
N THR A 15 12.54 -29.05 -23.57
CA THR A 15 13.78 -28.59 -22.97
C THR A 15 13.56 -28.16 -21.52
N ILE A 16 12.50 -27.40 -21.28
CA ILE A 16 12.23 -26.91 -19.93
C ILE A 16 11.90 -28.07 -18.99
N GLU A 17 11.11 -29.03 -19.47
CA GLU A 17 10.71 -30.14 -18.61
C GLU A 17 11.92 -30.97 -18.19
N GLN A 18 12.87 -31.15 -19.09
CA GLN A 18 14.06 -31.92 -18.74
C GLN A 18 14.96 -31.14 -17.80
N ALA A 19 15.11 -29.83 -18.01
CA ALA A 19 15.88 -29.02 -17.10
C ALA A 19 15.26 -29.03 -15.71
N TRP A 20 13.92 -29.00 -15.64
CA TRP A 20 13.26 -29.10 -14.35
C TRP A 20 13.61 -30.40 -13.65
N GLU A 21 13.60 -31.51 -14.38
CA GLU A 21 14.01 -32.78 -13.78
C GLU A 21 15.45 -32.70 -13.31
N ASN A 22 16.28 -31.91 -13.98
CA ASN A 22 17.71 -31.80 -13.67
C ASN A 22 18.02 -30.59 -12.78
N ARG A 23 17.02 -29.95 -12.19
CA ARG A 23 17.23 -28.63 -11.60
C ARG A 23 18.27 -28.62 -10.49
N ALA A 24 18.48 -29.75 -9.80
CA ALA A 24 19.43 -29.75 -8.69
C ALA A 24 20.85 -29.47 -9.14
N ASN A 25 21.17 -29.77 -10.40
CA ASN A 25 22.51 -29.59 -10.92
C ASN A 25 22.66 -28.31 -11.74
N LEU A 26 21.69 -27.40 -11.67
CA LEU A 26 21.73 -26.16 -12.42
C LEU A 26 22.03 -25.01 -11.47
N SER A 27 22.79 -24.03 -11.96
CA SER A 27 23.16 -22.88 -11.15
C SER A 27 23.52 -21.74 -12.09
N PRO A 28 23.77 -20.54 -11.56
CA PRO A 28 24.19 -19.42 -12.42
C PRO A 28 25.55 -19.60 -13.06
N VAL A 29 26.31 -20.63 -12.69
CA VAL A 29 27.65 -20.84 -13.25
C VAL A 29 27.76 -22.11 -14.09
N ASP A 30 26.76 -22.99 -14.06
CA ASP A 30 26.79 -24.14 -14.97
C ASP A 30 25.36 -24.48 -15.39
N ALA A 31 25.07 -24.23 -16.66
CA ALA A 31 23.84 -24.65 -17.30
C ALA A 31 24.10 -24.56 -18.79
N SER A 32 23.62 -25.54 -19.54
CA SER A 32 23.87 -25.56 -20.97
C SER A 32 23.27 -24.32 -21.61
N ALA A 33 23.85 -23.93 -22.75
CA ALA A 33 23.25 -22.88 -23.56
C ALA A 33 21.82 -23.26 -23.93
N GLU A 34 21.58 -24.52 -24.28
CA GLU A 34 20.23 -24.94 -24.62
C GLU A 34 19.26 -24.60 -23.50
N VAL A 35 19.70 -24.78 -22.26
CA VAL A 35 18.81 -24.55 -21.11
C VAL A 35 18.62 -23.05 -20.88
N ARG A 36 19.73 -22.30 -20.85
CA ARG A 36 19.63 -20.86 -20.61
C ARG A 36 18.78 -20.21 -21.69
N ASP A 37 18.96 -20.65 -22.94
CA ASP A 37 18.21 -20.06 -24.04
C ASP A 37 16.72 -20.36 -23.95
N ALA A 38 16.36 -21.59 -23.57
CA ALA A 38 14.94 -21.92 -23.46
C ALA A 38 14.27 -21.15 -22.31
N VAL A 39 14.94 -21.08 -21.16
CA VAL A 39 14.38 -20.29 -20.07
C VAL A 39 14.22 -18.84 -20.50
N GLU A 40 15.27 -18.25 -21.05
CA GLU A 40 15.19 -16.83 -21.43
C GLU A 40 14.11 -16.61 -22.49
N HIS A 41 13.99 -17.51 -23.47
CA HIS A 41 12.97 -17.36 -24.49
CA HIS A 41 12.97 -17.34 -24.48
C HIS A 41 11.57 -17.49 -23.90
N THR A 42 11.41 -18.31 -22.86
CA THR A 42 10.10 -18.44 -22.22
C THR A 42 9.75 -17.17 -21.45
N ILE A 43 10.72 -16.60 -20.72
CA ILE A 43 10.47 -15.34 -20.03
C ILE A 43 10.21 -14.22 -21.03
N ASP A 44 10.96 -14.21 -22.14
CA ASP A 44 10.70 -13.21 -23.17
C ASP A 44 9.27 -13.32 -23.70
N GLY A 45 8.80 -14.56 -23.93
CA GLY A 45 7.43 -14.74 -24.39
C GLY A 45 6.40 -14.28 -23.38
N LEU A 46 6.68 -14.50 -22.10
CA LEU A 46 5.78 -14.00 -21.05
C LEU A 46 5.76 -12.48 -21.05
N ASP A 47 6.94 -11.86 -21.13
CA ASP A 47 7.03 -10.41 -21.09
C ASP A 47 6.23 -9.77 -22.22
N LEU A 48 6.21 -10.43 -23.39
CA LEU A 48 5.55 -9.94 -24.58
C LEU A 48 4.08 -10.35 -24.68
N GLY A 49 3.61 -11.24 -23.81
CA GLY A 49 2.25 -11.70 -23.90
C GLY A 49 2.04 -12.78 -24.94
N ARG A 50 3.12 -13.28 -25.55
CA ARG A 50 3.02 -14.38 -26.49
C ARG A 50 2.77 -15.70 -25.76
N LEU A 51 3.24 -15.81 -24.53
CA LEU A 51 2.98 -16.93 -23.64
C LEU A 51 2.28 -16.37 -22.41
N ARG A 52 1.52 -17.24 -21.74
CA ARG A 52 0.90 -16.86 -20.47
C ARG A 52 0.81 -18.08 -19.58
N VAL A 53 0.87 -17.85 -18.27
CA VAL A 53 0.98 -18.96 -17.33
C VAL A 53 -0.31 -19.77 -17.29
N ALA A 54 -1.44 -19.10 -17.39
CA ALA A 54 -2.73 -19.77 -17.43
C ALA A 54 -3.56 -19.06 -18.48
N GLU A 55 -4.48 -19.79 -19.07
CA GLU A 55 -5.39 -19.20 -20.06
C GLU A 55 -6.75 -19.87 -19.94
N LYS A 56 -7.76 -19.16 -20.43
CA LYS A 56 -9.13 -19.65 -20.37
C LYS A 56 -9.44 -20.34 -21.68
N ILE A 57 -9.77 -21.63 -21.60
CA ILE A 57 -10.07 -22.48 -22.74
C ILE A 57 -11.33 -23.25 -22.43
N ASP A 58 -12.33 -23.16 -23.29
CA ASP A 58 -13.56 -23.92 -23.15
C ASP A 58 -14.24 -23.65 -21.80
N ASP A 59 -14.18 -22.38 -21.36
CA ASP A 59 -14.83 -21.91 -20.14
C ASP A 59 -14.10 -22.33 -18.87
N GLN A 60 -12.85 -22.77 -18.96
CA GLN A 60 -12.12 -23.26 -17.80
C GLN A 60 -10.72 -22.69 -17.82
N TRP A 61 -10.19 -22.34 -16.67
CA TRP A 61 -8.81 -21.88 -16.64
C TRP A 61 -7.86 -23.07 -16.58
N ILE A 62 -6.85 -23.01 -17.45
CA ILE A 62 -5.86 -24.05 -17.65
C ILE A 62 -4.50 -23.46 -17.32
N VAL A 63 -3.70 -24.17 -16.51
CA VAL A 63 -2.35 -23.73 -16.18
C VAL A 63 -1.33 -24.50 -17.01
N HIS A 64 -0.28 -23.81 -17.44
CA HIS A 64 0.82 -24.41 -18.16
C HIS A 64 1.95 -24.60 -17.17
N GLN A 65 2.05 -25.81 -16.64
CA GLN A 65 3.08 -26.07 -15.63
C GLN A 65 4.47 -25.80 -16.15
N TRP A 66 4.72 -26.08 -17.43
CA TRP A 66 6.08 -25.91 -17.94
C TRP A 66 6.49 -24.43 -17.94
N ILE A 67 5.54 -23.52 -18.05
CA ILE A 67 5.90 -22.11 -18.03
C ILE A 67 6.27 -21.70 -16.62
N LYS A 68 5.55 -22.24 -15.64
CA LYS A 68 5.95 -22.01 -14.25
C LYS A 68 7.32 -22.59 -13.98
N LYS A 69 7.59 -23.80 -14.50
CA LYS A 69 8.91 -24.37 -14.34
C LYS A 69 9.97 -23.42 -14.89
N ALA A 70 9.71 -22.81 -16.04
CA ALA A 70 10.67 -21.86 -16.60
C ALA A 70 10.86 -20.66 -15.67
N VAL A 71 9.78 -20.14 -15.08
CA VAL A 71 9.92 -19.00 -14.17
C VAL A 71 10.79 -19.39 -12.99
N LEU A 72 10.51 -20.55 -12.40
CA LEU A 72 11.30 -20.99 -11.27
C LEU A 72 12.77 -21.21 -11.66
N LEU A 73 13.01 -21.77 -12.84
CA LEU A 73 14.39 -21.96 -13.26
C LEU A 73 15.08 -20.63 -13.48
N SER A 74 14.34 -19.61 -13.91
CA SER A 74 14.97 -18.31 -14.13
C SER A 74 15.49 -17.73 -12.82
N PHE A 75 14.89 -18.10 -11.68
CA PHE A 75 15.46 -17.70 -10.40
C PHE A 75 16.74 -18.48 -10.11
N ARG A 76 16.72 -19.79 -10.36
CA ARG A 76 17.86 -20.63 -10.07
C ARG A 76 19.07 -20.28 -10.94
N LEU A 77 18.84 -19.74 -12.13
CA LEU A 77 19.91 -19.50 -13.08
C LEU A 77 20.56 -18.14 -12.95
N HIS A 78 20.14 -17.30 -12.01
CA HIS A 78 20.74 -15.98 -11.89
C HIS A 78 21.05 -15.65 -10.45
N ASP A 79 22.19 -14.97 -10.26
CA ASP A 79 22.58 -14.43 -8.98
C ASP A 79 21.93 -13.08 -8.78
N ASN A 80 21.85 -12.67 -7.52
CA ASN A 80 21.44 -11.31 -7.22
C ASN A 80 22.49 -10.33 -7.75
N ALA A 81 22.01 -9.16 -8.17
CA ALA A 81 22.86 -8.10 -8.69
C ALA A 81 22.41 -6.76 -8.14
N VAL A 82 23.37 -5.86 -7.97
CA VAL A 82 23.06 -4.49 -7.57
CA VAL A 82 23.08 -4.49 -7.57
C VAL A 82 22.34 -3.77 -8.70
N MET A 83 21.34 -2.98 -8.34
CA MET A 83 20.72 -2.07 -9.29
C MET A 83 20.25 -0.85 -8.53
N GLY A 84 20.28 0.31 -9.15
CA GLY A 84 19.74 1.52 -8.50
C GLY A 84 20.67 2.68 -8.49
N GLN A 85 20.15 3.84 -8.13
CA GLN A 85 20.89 5.13 -8.22
C GLN A 85 20.66 5.99 -6.99
N GLY A 86 21.71 6.63 -6.46
CA GLY A 86 21.57 7.55 -5.36
C GLY A 86 21.07 6.88 -4.09
N PRO A 87 19.99 7.42 -3.51
CA PRO A 87 19.46 6.83 -2.28
C PRO A 87 18.69 5.54 -2.46
N LEU A 88 18.29 5.17 -3.68
CA LEU A 88 17.45 4.01 -3.94
C LEU A 88 18.32 2.92 -4.56
N GLN A 89 18.78 2.03 -3.71
CA GLN A 89 19.76 1.02 -4.06
C GLN A 89 19.18 -0.34 -3.69
N PHE A 90 19.24 -1.27 -4.65
CA PHE A 90 18.56 -2.56 -4.54
C PHE A 90 19.52 -3.69 -4.89
N TYR A 91 19.08 -4.93 -4.64
CA TYR A 91 19.92 -6.10 -4.82
C TYR A 91 18.99 -7.29 -5.04
N ASP A 92 18.88 -7.75 -6.29
CA ASP A 92 17.90 -8.79 -6.59
C ASP A 92 18.32 -9.48 -7.88
N LYS A 93 17.67 -10.63 -8.14
CA LYS A 93 18.05 -11.48 -9.26
C LYS A 93 17.03 -11.48 -10.39
N VAL A 94 15.98 -10.68 -10.29
CA VAL A 94 14.97 -10.53 -11.34
C VAL A 94 15.03 -9.10 -11.87
N PRO A 95 15.29 -8.91 -13.16
CA PRO A 95 15.30 -7.56 -13.71
C PRO A 95 13.93 -6.92 -13.61
N THR A 96 13.93 -5.60 -13.52
CA THR A 96 12.67 -4.90 -13.65
C THR A 96 12.31 -4.87 -15.13
N LYS A 97 11.01 -4.73 -15.39
CA LYS A 97 10.53 -4.82 -16.76
C LYS A 97 11.01 -3.67 -17.62
N PHE A 98 11.15 -2.47 -17.05
CA PHE A 98 11.30 -1.27 -17.87
C PHE A 98 12.71 -0.70 -17.86
N ALA A 99 13.66 -1.37 -17.19
CA ALA A 99 15.02 -0.84 -17.09
C ALA A 99 15.64 -0.56 -18.44
N GLY A 100 15.32 -1.37 -19.46
CA GLY A 100 15.85 -1.23 -20.79
C GLY A 100 14.89 -0.66 -21.79
N TYR A 101 13.75 -0.12 -21.36
CA TYR A 101 12.80 0.46 -22.29
C TYR A 101 13.17 1.90 -22.63
N GLY A 102 13.21 2.19 -23.92
CA GLY A 102 13.23 3.56 -24.40
C GLY A 102 11.84 4.06 -24.71
N GLU A 103 11.80 5.32 -25.18
CA GLU A 103 10.53 5.94 -25.52
C GLU A 103 9.79 5.16 -26.60
N ALA A 104 10.51 4.60 -27.56
CA ALA A 104 9.84 3.84 -28.62
C ALA A 104 9.15 2.60 -28.07
N ALA A 105 9.82 1.87 -27.16
CA ALA A 105 9.20 0.70 -26.55
C ALA A 105 7.95 1.08 -25.76
N PHE A 106 8.03 2.17 -24.99
CA PHE A 106 6.87 2.60 -24.22
C PHE A 106 5.74 3.04 -25.14
N LYS A 107 6.04 3.82 -26.17
CA LYS A 107 4.99 4.23 -27.11
C LYS A 107 4.30 3.02 -27.72
N ALA A 108 5.08 1.98 -28.08
CA ALA A 108 4.51 0.81 -28.73
C ALA A 108 3.64 -0.02 -27.80
N GLY A 109 3.96 -0.05 -26.51
CA GLY A 109 3.19 -0.84 -25.55
C GLY A 109 1.78 -0.35 -25.35
N GLY A 110 1.56 0.96 -25.46
CA GLY A 110 0.23 1.52 -25.34
C GLY A 110 -0.32 1.68 -23.94
N TYR A 111 0.52 1.56 -22.91
CA TYR A 111 0.08 1.70 -21.53
C TYR A 111 0.86 2.79 -20.83
N ARG A 112 0.45 3.11 -19.62
CA ARG A 112 1.07 4.15 -18.81
C ARG A 112 1.61 3.56 -17.53
N VAL A 113 2.78 4.05 -17.12
CA VAL A 113 3.49 3.62 -15.91
C VAL A 113 3.75 4.87 -15.08
N VAL A 114 2.98 5.06 -14.02
CA VAL A 114 2.98 6.30 -13.24
C VAL A 114 4.05 6.15 -12.16
N PRO A 115 5.00 7.07 -12.03
CA PRO A 115 6.04 6.94 -10.99
C PRO A 115 5.39 6.86 -9.61
N PRO A 116 5.85 5.96 -8.71
CA PRO A 116 6.98 5.03 -8.83
C PRO A 116 6.57 3.57 -9.08
N ALA A 117 5.61 3.33 -9.98
CA ALA A 117 5.23 1.97 -10.28
C ALA A 117 6.39 1.16 -10.85
N VAL A 118 6.40 -0.13 -10.51
CA VAL A 118 7.40 -1.08 -10.99
C VAL A 118 6.72 -2.38 -11.37
N ALA A 119 7.18 -2.97 -12.47
CA ALA A 119 6.86 -4.35 -12.80
C ALA A 119 8.15 -5.11 -12.98
N ARG A 120 8.10 -6.41 -12.81
CA ARG A 120 9.23 -7.28 -13.11
C ARG A 120 9.21 -7.74 -14.57
N ARG A 121 10.40 -7.97 -15.12
CA ARG A 121 10.48 -8.61 -16.43
C ARG A 121 9.79 -9.97 -16.39
N GLY A 122 9.01 -10.27 -17.42
CA GLY A 122 8.21 -11.47 -17.41
C GLY A 122 6.76 -11.26 -17.04
N ALA A 123 6.34 -10.02 -16.80
CA ALA A 123 4.95 -9.64 -16.65
C ALA A 123 4.50 -8.99 -17.94
N PHE A 124 3.27 -9.30 -18.36
CA PHE A 124 2.69 -8.71 -19.56
C PHE A 124 1.69 -7.62 -19.18
N ILE A 125 1.83 -6.45 -19.77
CA ILE A 125 0.90 -5.34 -19.58
C ILE A 125 0.32 -5.02 -20.95
N ALA A 126 -0.99 -5.08 -21.08
CA ALA A 126 -1.67 -4.85 -22.35
C ALA A 126 -1.86 -3.36 -22.65
N ARG A 127 -2.38 -3.09 -23.85
CA ARG A 127 -2.66 -1.71 -24.22
C ARG A 127 -3.71 -1.11 -23.31
N ASN A 128 -3.61 0.21 -23.12
CA ASN A 128 -4.60 1.03 -22.43
C ASN A 128 -4.70 0.73 -20.94
N VAL A 129 -3.75 0.00 -20.39
CA VAL A 129 -3.61 -0.18 -18.96
C VAL A 129 -2.99 1.09 -18.36
N VAL A 130 -3.43 1.43 -17.15
CA VAL A 130 -2.79 2.45 -16.35
C VAL A 130 -2.27 1.77 -15.09
N LEU A 131 -0.97 1.80 -14.91
CA LEU A 131 -0.33 1.38 -13.66
C LEU A 131 -0.08 2.64 -12.85
N MET A 132 -0.97 2.94 -11.90
CA MET A 132 -0.65 3.90 -10.87
C MET A 132 0.49 3.28 -10.07
N PRO A 133 1.07 4.02 -9.10
CA PRO A 133 2.14 3.40 -8.29
C PRO A 133 1.64 2.07 -7.75
N SER A 134 2.34 0.97 -8.03
CA SER A 134 1.83 -0.38 -7.87
C SER A 134 2.97 -1.33 -8.20
N TYR A 135 2.72 -2.61 -7.97
CA TYR A 135 3.70 -3.64 -8.29
C TYR A 135 3.05 -4.75 -9.09
N VAL A 136 3.68 -5.15 -10.19
CA VAL A 136 3.25 -6.30 -10.98
C VAL A 136 4.41 -7.29 -11.04
N ASN A 137 4.20 -8.48 -10.51
CA ASN A 137 5.22 -9.51 -10.37
C ASN A 137 5.32 -10.38 -11.62
N ILE A 138 6.40 -11.16 -11.67
CA ILE A 138 6.71 -12.00 -12.81
C ILE A 138 5.59 -12.99 -13.08
N GLY A 139 5.30 -13.22 -14.36
CA GLY A 139 4.28 -14.16 -14.74
C GLY A 139 2.89 -13.59 -14.78
N ALA A 140 2.67 -12.39 -14.26
CA ALA A 140 1.34 -11.81 -14.28
C ALA A 140 0.99 -11.36 -15.68
N TYR A 141 -0.32 -11.31 -15.94
CA TYR A 141 -0.86 -10.86 -17.21
C TYR A 141 -1.96 -9.87 -16.88
N VAL A 142 -1.82 -8.63 -17.35
CA VAL A 142 -2.79 -7.58 -17.07
C VAL A 142 -3.37 -7.15 -18.41
N ASP A 143 -4.63 -7.51 -18.65
CA ASP A 143 -5.22 -7.36 -19.98
C ASP A 143 -5.77 -5.94 -20.20
N GLU A 144 -6.26 -5.73 -21.42
CA GLU A 144 -6.46 -4.41 -21.98
C GLU A 144 -7.43 -3.56 -21.15
N GLY A 145 -7.08 -2.28 -21.00
CA GLY A 145 -8.02 -1.33 -20.43
C GLY A 145 -8.09 -1.34 -18.92
N THR A 146 -7.29 -2.15 -18.26
CA THR A 146 -7.37 -2.31 -16.83
C THR A 146 -6.64 -1.22 -16.08
N MET A 147 -7.23 -0.82 -14.95
CA MET A 147 -6.66 0.18 -14.07
CA MET A 147 -6.67 0.18 -14.07
C MET A 147 -6.12 -0.53 -12.83
N VAL A 148 -4.84 -0.31 -12.54
CA VAL A 148 -4.18 -0.83 -11.35
C VAL A 148 -3.91 0.40 -10.49
N ASP A 149 -4.64 0.57 -9.40
CA ASP A 149 -4.62 1.82 -8.65
C ASP A 149 -3.49 1.82 -7.61
N THR A 150 -3.41 2.91 -6.84
CA THR A 150 -2.20 3.18 -6.06
C THR A 150 -2.00 2.19 -4.94
N TRP A 151 -0.78 1.65 -4.87
CA TRP A 151 -0.33 0.64 -3.92
C TRP A 151 -1.09 -0.69 -4.09
N ALA A 152 -1.67 -0.95 -5.26
CA ALA A 152 -2.13 -2.30 -5.56
C ALA A 152 -0.95 -3.21 -5.95
N THR A 153 -1.24 -4.52 -5.90
CA THR A 153 -0.25 -5.53 -6.22
C THR A 153 -0.89 -6.59 -7.09
N VAL A 154 -0.23 -6.92 -8.20
CA VAL A 154 -0.63 -8.06 -9.02
C VAL A 154 0.48 -9.09 -8.86
N GLY A 155 0.19 -10.16 -8.11
CA GLY A 155 1.18 -11.14 -7.74
C GLY A 155 1.56 -12.08 -8.86
N SER A 156 2.53 -12.92 -8.54
CA SER A 156 3.12 -13.79 -9.55
CA SER A 156 3.13 -13.80 -9.54
CA SER A 156 3.12 -13.79 -9.55
C SER A 156 2.07 -14.67 -10.20
N CYS A 157 2.09 -14.71 -11.53
CA CYS A 157 1.25 -15.54 -12.37
C CYS A 157 -0.20 -15.12 -12.40
N ALA A 158 -0.60 -14.08 -11.68
CA ALA A 158 -2.01 -13.71 -11.61
C ALA A 158 -2.50 -13.25 -12.97
N GLN A 159 -3.75 -13.58 -13.28
CA GLN A 159 -4.38 -13.24 -14.55
C GLN A 159 -5.47 -12.21 -14.30
N ILE A 160 -5.27 -11.00 -14.80
CA ILE A 160 -6.22 -9.91 -14.65
C ILE A 160 -6.84 -9.63 -16.01
N GLY A 161 -8.17 -9.66 -16.06
CA GLY A 161 -8.88 -9.53 -17.32
C GLY A 161 -8.90 -8.13 -17.86
N LYS A 162 -9.71 -7.97 -18.90
CA LYS A 162 -9.88 -6.71 -19.56
C LYS A 162 -10.85 -5.82 -18.80
N ASN A 163 -10.59 -4.52 -18.83
CA ASN A 163 -11.48 -3.53 -18.24
CA ASN A 163 -11.50 -3.54 -18.25
C ASN A 163 -11.78 -3.83 -16.78
N VAL A 164 -10.76 -4.25 -16.06
CA VAL A 164 -10.84 -4.51 -14.63
C VAL A 164 -10.38 -3.24 -13.91
N HIS A 165 -10.99 -2.98 -12.76
CA HIS A 165 -10.51 -1.91 -11.90
C HIS A 165 -10.03 -2.53 -10.59
N LEU A 166 -8.72 -2.52 -10.37
CA LEU A 166 -8.14 -2.93 -9.08
C LEU A 166 -7.95 -1.63 -8.32
N SER A 167 -8.76 -1.41 -7.29
CA SER A 167 -8.72 -0.15 -6.57
C SER A 167 -7.50 -0.08 -5.64
N GLY A 168 -7.42 1.05 -4.93
CA GLY A 168 -6.28 1.35 -4.11
C GLY A 168 -5.99 0.26 -3.11
N GLY A 169 -4.73 -0.13 -3.02
CA GLY A 169 -4.29 -1.08 -2.02
C GLY A 169 -4.81 -2.49 -2.21
N VAL A 170 -5.29 -2.82 -3.40
CA VAL A 170 -5.85 -4.18 -3.64
C VAL A 170 -4.68 -5.13 -3.86
N GLY A 171 -4.71 -6.29 -3.25
CA GLY A 171 -3.66 -7.30 -3.46
C GLY A 171 -4.20 -8.52 -4.16
N ILE A 172 -3.62 -8.90 -5.29
CA ILE A 172 -3.97 -10.16 -6.00
C ILE A 172 -2.80 -11.10 -5.69
N GLY A 173 -3.03 -12.18 -4.96
CA GLY A 173 -1.95 -13.00 -4.47
C GLY A 173 -1.31 -13.85 -5.54
N GLY A 174 0.01 -14.03 -5.39
CA GLY A 174 0.72 -14.87 -6.33
C GLY A 174 0.58 -16.35 -6.05
N VAL A 175 0.77 -17.12 -7.11
CA VAL A 175 0.76 -18.57 -7.06
C VAL A 175 1.83 -19.07 -8.02
N LEU A 176 2.91 -19.63 -7.48
CA LEU A 176 3.88 -20.36 -8.29
C LEU A 176 3.77 -21.84 -7.94
N GLU A 177 4.17 -22.23 -6.77
CA GLU A 177 3.99 -23.59 -6.30
C GLU A 177 2.64 -23.69 -5.59
N PRO A 178 1.99 -24.86 -5.62
CA PRO A 178 2.36 -26.08 -6.36
C PRO A 178 2.22 -25.83 -7.87
N LEU A 179 2.96 -26.56 -8.70
CA LEU A 179 2.96 -26.28 -10.14
C LEU A 179 1.58 -26.43 -10.75
N GLN A 180 0.81 -27.42 -10.29
CA GLN A 180 -0.51 -27.67 -10.85
C GLN A 180 -1.57 -26.64 -10.46
N ALA A 181 -1.30 -25.79 -9.48
CA ALA A 181 -2.31 -24.88 -8.98
C ALA A 181 -2.56 -23.74 -9.96
N ASN A 182 -3.82 -23.45 -10.24
CA ASN A 182 -4.13 -22.28 -11.06
C ASN A 182 -3.80 -21.01 -10.28
N PRO A 183 -3.41 -19.96 -10.97
CA PRO A 183 -3.16 -18.69 -10.31
C PRO A 183 -4.46 -17.98 -9.95
N THR A 184 -4.31 -16.92 -9.18
CA THR A 184 -5.45 -16.08 -8.85
C THR A 184 -5.91 -15.39 -10.12
N ILE A 185 -7.24 -15.35 -10.31
CA ILE A 185 -7.83 -14.87 -11.55
C ILE A 185 -8.88 -13.83 -11.22
N ILE A 186 -8.79 -12.67 -11.88
CA ILE A 186 -9.85 -11.66 -11.88
C ILE A 186 -10.31 -11.57 -13.32
N GLU A 187 -11.56 -11.97 -13.59
CA GLU A 187 -12.06 -12.01 -14.96
C GLU A 187 -12.50 -10.62 -15.42
N ASP A 188 -12.91 -10.52 -16.68
CA ASP A 188 -13.17 -9.25 -17.33
C ASP A 188 -14.26 -8.45 -16.61
N ASN A 189 -14.09 -7.12 -16.63
CA ASN A 189 -15.13 -6.18 -16.23
C ASN A 189 -15.44 -6.21 -14.74
N CYS A 190 -14.52 -6.70 -13.94
CA CYS A 190 -14.72 -6.72 -12.51
C CYS A 190 -14.22 -5.44 -11.87
N PHE A 191 -14.86 -5.06 -10.77
CA PHE A 191 -14.42 -3.98 -9.89
C PHE A 191 -14.04 -4.61 -8.57
N ILE A 192 -12.80 -4.33 -8.12
CA ILE A 192 -12.28 -4.88 -6.85
C ILE A 192 -12.04 -3.68 -5.97
N GLY A 193 -12.86 -3.54 -4.92
CA GLY A 193 -12.81 -2.37 -4.09
C GLY A 193 -11.58 -2.29 -3.20
N ALA A 194 -11.29 -1.06 -2.80
CA ALA A 194 -10.04 -0.73 -2.12
C ALA A 194 -9.79 -1.62 -0.92
N ARG A 195 -8.53 -1.97 -0.72
CA ARG A 195 -8.03 -2.79 0.39
C ARG A 195 -8.42 -4.27 0.29
N SER A 196 -9.19 -4.68 -0.72
CA SER A 196 -9.54 -6.09 -0.87
C SER A 196 -8.29 -6.89 -1.20
N GLU A 197 -8.35 -8.18 -0.89
CA GLU A 197 -7.28 -9.12 -1.18
C GLU A 197 -7.93 -10.37 -1.73
N VAL A 198 -7.43 -10.87 -2.86
CA VAL A 198 -7.90 -12.11 -3.45
C VAL A 198 -6.64 -12.92 -3.69
N VAL A 199 -6.54 -14.11 -3.08
CA VAL A 199 -5.29 -14.87 -3.05
C VAL A 199 -5.52 -16.34 -3.34
N GLU A 200 -4.40 -17.06 -3.51
CA GLU A 200 -4.38 -18.51 -3.46
C GLU A 200 -5.24 -19.14 -4.54
N GLY A 201 -5.33 -18.50 -5.71
CA GLY A 201 -6.05 -19.10 -6.82
C GLY A 201 -7.56 -18.96 -6.78
N VAL A 202 -8.09 -18.13 -5.88
CA VAL A 202 -9.51 -17.75 -5.98
C VAL A 202 -9.75 -17.17 -7.37
N VAL A 203 -10.91 -17.48 -7.92
CA VAL A 203 -11.37 -16.95 -9.21
C VAL A 203 -12.53 -16.02 -8.94
N VAL A 204 -12.40 -14.76 -9.37
CA VAL A 204 -13.51 -13.83 -9.37
C VAL A 204 -14.00 -13.78 -10.82
N GLU A 205 -15.20 -14.31 -11.06
CA GLU A 205 -15.73 -14.44 -12.41
C GLU A 205 -16.22 -13.09 -12.94
N GLU A 206 -16.44 -13.06 -14.24
CA GLU A 206 -16.66 -11.82 -14.96
C GLU A 206 -17.84 -11.02 -14.40
N ASN A 207 -17.73 -9.70 -14.53
CA ASN A 207 -18.83 -8.80 -14.23
C ASN A 207 -19.21 -8.83 -12.75
N SER A 208 -18.24 -9.05 -11.87
CA SER A 208 -18.47 -9.09 -10.44
C SER A 208 -17.89 -7.84 -9.79
N VAL A 209 -18.42 -7.51 -8.62
CA VAL A 209 -18.03 -6.33 -7.86
C VAL A 209 -17.75 -6.76 -6.42
N LEU A 210 -16.55 -6.47 -5.96
CA LEU A 210 -16.18 -6.61 -4.56
C LEU A 210 -16.14 -5.22 -3.94
N ALA A 211 -16.81 -5.05 -2.81
CA ALA A 211 -16.73 -3.82 -2.06
C ALA A 211 -15.34 -3.69 -1.43
N MET A 212 -15.13 -2.57 -0.75
CA MET A 212 -13.87 -2.41 -0.03
C MET A 212 -13.74 -3.47 1.05
N GLY A 213 -12.50 -3.89 1.27
CA GLY A 213 -12.21 -4.71 2.42
C GLY A 213 -12.71 -6.13 2.37
N VAL A 214 -12.85 -6.70 1.18
CA VAL A 214 -13.21 -8.10 1.03
C VAL A 214 -11.93 -8.91 0.93
N PHE A 215 -11.77 -9.93 1.77
CA PHE A 215 -10.55 -10.75 1.79
C PHE A 215 -10.91 -12.19 1.45
N LEU A 216 -10.41 -12.68 0.31
CA LEU A 216 -10.80 -14.00 -0.17
C LEU A 216 -9.58 -14.90 -0.34
N SER A 217 -9.60 -16.04 0.33
CA SER A 217 -8.66 -17.11 0.07
C SER A 217 -9.46 -18.38 -0.14
N GLN A 218 -8.79 -19.51 -0.29
CA GLN A 218 -9.50 -20.75 -0.53
C GLN A 218 -10.33 -21.18 0.67
N SER A 219 -10.01 -20.68 1.87
CA SER A 219 -10.72 -21.08 3.08
C SER A 219 -11.79 -20.10 3.52
N THR A 220 -11.92 -18.95 2.83
CA THR A 220 -12.95 -17.98 3.16
C THR A 220 -14.35 -18.49 2.83
N LYS A 221 -15.23 -18.44 3.82
CA LYS A 221 -16.64 -18.69 3.55
C LYS A 221 -17.21 -17.57 2.68
N ILE A 222 -17.87 -17.96 1.60
CA ILE A 222 -18.63 -17.06 0.75
C ILE A 222 -20.10 -17.41 0.96
N TYR A 223 -20.82 -16.53 1.63
CA TYR A 223 -22.19 -16.78 2.04
C TYR A 223 -23.12 -16.09 1.05
N ASP A 224 -23.97 -16.87 0.39
CA ASP A 224 -24.89 -16.28 -0.58
C ASP A 224 -26.17 -15.93 0.17
N ARG A 225 -26.46 -14.64 0.27
CA ARG A 225 -27.61 -14.23 1.08
C ARG A 225 -28.93 -14.79 0.54
N ALA A 226 -29.08 -14.86 -0.78
CA ALA A 226 -30.35 -15.27 -1.37
C ALA A 226 -30.65 -16.74 -1.15
N THR A 227 -29.63 -17.59 -1.07
CA THR A 227 -29.84 -19.03 -0.92
C THR A 227 -29.45 -19.57 0.45
N GLY A 228 -28.74 -18.79 1.26
CA GLY A 228 -28.16 -19.26 2.51
C GLY A 228 -27.03 -20.24 2.40
N LYS A 229 -26.50 -20.48 1.20
CA LYS A 229 -25.45 -21.48 1.02
C LYS A 229 -24.07 -20.85 1.17
N VAL A 230 -23.14 -21.63 1.71
CA VAL A 230 -21.74 -21.27 1.84
C VAL A 230 -20.94 -22.04 0.80
N SER A 231 -20.10 -21.32 0.06
CA SER A 231 -19.19 -21.92 -0.91
C SER A 231 -17.80 -21.36 -0.71
N TYR A 232 -16.84 -21.89 -1.46
CA TYR A 232 -15.45 -21.51 -1.31
C TYR A 232 -14.77 -21.43 -2.67
N GLY A 233 -13.90 -20.44 -2.82
CA GLY A 233 -12.91 -20.44 -3.87
C GLY A 233 -13.27 -19.69 -5.14
N ARG A 234 -14.50 -19.20 -5.27
CA ARG A 234 -14.96 -18.65 -6.55
C ARG A 234 -16.09 -17.68 -6.26
N VAL A 235 -16.02 -16.51 -6.88
CA VAL A 235 -17.12 -15.54 -6.89
C VAL A 235 -17.89 -15.75 -8.19
N PRO A 236 -19.14 -16.20 -8.15
CA PRO A 236 -19.88 -16.44 -9.39
C PRO A 236 -20.05 -15.15 -10.19
N SER A 237 -20.03 -15.25 -11.52
CA SER A 237 -20.15 -14.06 -12.37
C SER A 237 -21.39 -13.28 -11.97
N GLY A 238 -21.26 -11.97 -11.94
CA GLY A 238 -22.34 -11.05 -11.67
C GLY A 238 -22.67 -10.84 -10.23
N SER A 239 -21.80 -11.27 -9.32
CA SER A 239 -22.05 -11.14 -7.89
C SER A 239 -21.56 -9.81 -7.36
N VAL A 240 -22.29 -9.26 -6.40
CA VAL A 240 -21.81 -8.17 -5.54
C VAL A 240 -21.45 -8.77 -4.19
N VAL A 241 -20.19 -8.63 -3.80
CA VAL A 241 -19.66 -9.25 -2.58
C VAL A 241 -19.25 -8.14 -1.63
N VAL A 242 -19.71 -8.24 -0.38
CA VAL A 242 -19.37 -7.26 0.66
C VAL A 242 -18.91 -7.99 1.90
N PRO A 243 -18.21 -7.31 2.80
CA PRO A 243 -17.82 -7.96 4.06
C PRO A 243 -19.03 -8.15 4.97
N GLY A 244 -19.09 -9.31 5.61
CA GLY A 244 -20.10 -9.59 6.59
C GLY A 244 -19.59 -10.63 7.57
N SER A 245 -20.50 -11.32 8.21
CA SER A 245 -20.09 -12.32 9.18
C SER A 245 -21.22 -13.31 9.40
N LEU A 246 -20.88 -14.43 10.03
CA LEU A 246 -21.82 -15.47 10.41
C LEU A 246 -21.72 -15.72 11.91
N PRO A 247 -22.84 -15.87 12.59
CA PRO A 247 -22.80 -16.06 14.05
C PRO A 247 -22.44 -17.48 14.42
N SER A 248 -21.76 -17.60 15.57
CA SER A 248 -21.50 -18.92 16.12
C SER A 248 -22.82 -19.57 16.56
N GLU A 249 -22.78 -20.90 16.69
CA GLU A 249 -23.98 -21.64 17.07
C GLU A 249 -24.58 -21.13 18.38
N ASP A 250 -23.74 -20.75 19.34
CA ASP A 250 -24.23 -20.31 20.65
C ASP A 250 -24.48 -18.80 20.73
N GLY A 251 -24.23 -18.06 19.67
CA GLY A 251 -24.52 -16.64 19.62
C GLY A 251 -23.53 -15.76 20.35
N SER A 252 -22.45 -16.32 20.89
CA SER A 252 -21.53 -15.50 21.66
C SER A 252 -20.67 -14.58 20.81
N HIS A 253 -20.48 -14.89 19.53
CA HIS A 253 -19.60 -14.10 18.67
C HIS A 253 -19.92 -14.42 17.23
N SER A 254 -19.28 -13.71 16.30
CA SER A 254 -19.37 -14.01 14.89
C SER A 254 -17.97 -14.03 14.31
N LEU A 255 -17.84 -14.67 13.16
CA LEU A 255 -16.60 -14.69 12.39
C LEU A 255 -16.86 -14.02 11.05
N ALA A 256 -15.94 -13.14 10.64
CA ALA A 256 -16.11 -12.43 9.39
C ALA A 256 -16.04 -13.41 8.22
N CYS A 257 -16.79 -13.08 7.17
CA CYS A 257 -16.82 -13.84 5.93
C CYS A 257 -17.17 -12.87 4.82
N ALA A 258 -17.24 -13.39 3.60
CA ALA A 258 -17.69 -12.64 2.44
C ALA A 258 -19.17 -12.96 2.23
N VAL A 259 -19.96 -11.97 1.84
CA VAL A 259 -21.41 -12.16 1.63
C VAL A 259 -21.74 -11.70 0.21
N ILE A 260 -22.35 -12.57 -0.58
CA ILE A 260 -22.93 -12.17 -1.86
C ILE A 260 -24.30 -11.59 -1.53
N VAL A 261 -24.42 -10.27 -1.62
CA VAL A 261 -25.64 -9.58 -1.19
C VAL A 261 -26.66 -9.42 -2.29
N LYS A 262 -26.23 -9.37 -3.54
CA LYS A 262 -27.13 -9.16 -4.66
C LYS A 262 -26.31 -9.46 -5.91
N ARG A 263 -26.94 -9.35 -7.05
CA ARG A 263 -26.25 -9.39 -8.33
C ARG A 263 -26.08 -7.98 -8.86
N VAL A 264 -25.02 -7.80 -9.65
CA VAL A 264 -24.66 -6.50 -10.18
C VAL A 264 -25.78 -5.97 -11.04
N ASP A 265 -26.32 -4.82 -10.68
CA ASP A 265 -27.39 -4.20 -11.47
C ASP A 265 -26.88 -2.89 -12.06
N ALA A 266 -27.73 -2.20 -12.79
CA ALA A 266 -27.27 -0.98 -13.45
C ALA A 266 -26.80 0.05 -12.44
N GLN A 267 -27.42 0.08 -11.26
CA GLN A 267 -27.00 1.00 -10.21
C GLN A 267 -25.61 0.64 -9.72
N THR A 268 -25.34 -0.66 -9.53
CA THR A 268 -24.00 -1.08 -9.15
C THR A 268 -22.99 -0.59 -10.18
N ARG A 269 -23.31 -0.79 -11.46
CA ARG A 269 -22.40 -0.35 -12.52
C ARG A 269 -22.18 1.16 -12.46
N ALA A 270 -23.24 1.93 -12.25
CA ALA A 270 -23.08 3.39 -12.19
C ALA A 270 -22.17 3.79 -11.03
N LYS A 271 -22.31 3.11 -9.90
CA LYS A 271 -21.53 3.50 -8.72
C LYS A 271 -20.07 3.08 -8.85
N THR A 272 -19.78 2.03 -9.60
CA THR A 272 -18.41 1.56 -9.78
C THR A 272 -17.79 2.06 -11.07
N SER A 273 -18.35 3.11 -11.65
CA SER A 273 -17.72 3.82 -12.74
C SER A 273 -17.80 5.32 -12.54
N ILE A 274 -18.36 5.79 -11.42
CA ILE A 274 -18.71 7.20 -11.27
C ILE A 274 -17.47 8.08 -11.33
N ASN A 275 -16.38 7.68 -10.68
CA ASN A 275 -15.15 8.46 -10.69
C ASN A 275 -14.22 7.98 -11.82
N LEU B 10 27.35 2.00 30.85
CA LEU B 10 28.39 1.99 29.84
C LEU B 10 28.50 3.35 29.14
N ASP B 11 29.54 3.47 28.29
CA ASP B 11 29.95 4.75 27.75
C ASP B 11 28.84 5.42 26.96
N LEU B 12 28.37 4.77 25.90
CA LEU B 12 27.38 5.39 25.03
C LEU B 12 26.14 5.80 25.82
N GLN B 13 25.61 4.89 26.65
CA GLN B 13 24.34 5.14 27.31
C GLN B 13 24.41 6.40 28.16
N THR B 14 25.48 6.55 28.94
CA THR B 14 25.59 7.72 29.80
C THR B 14 25.63 9.01 29.00
N THR B 15 26.37 9.01 27.90
CA THR B 15 26.47 10.22 27.09
C THR B 15 25.13 10.56 26.47
N ILE B 16 24.43 9.54 25.95
CA ILE B 16 23.12 9.75 25.37
C ILE B 16 22.15 10.30 26.42
N GLU B 17 22.17 9.73 27.63
CA GLU B 17 21.21 10.17 28.64
C GLU B 17 21.42 11.62 29.02
N GLN B 18 22.69 12.05 29.13
CA GLN B 18 22.97 13.44 29.45
C GLN B 18 22.56 14.34 28.30
N ALA B 19 22.82 13.92 27.05
CA ALA B 19 22.40 14.72 25.92
C ALA B 19 20.89 14.85 25.87
N TRP B 20 20.18 13.76 26.18
CA TRP B 20 18.72 13.82 26.21
C TRP B 20 18.22 14.89 27.17
N GLU B 21 18.78 14.93 28.38
CA GLU B 21 18.33 15.93 29.35
C GLU B 21 18.60 17.34 28.86
N ASN B 22 19.62 17.49 28.02
CA ASN B 22 20.04 18.77 27.48
C ASN B 22 19.50 19.01 26.07
N ARG B 23 18.52 18.23 25.61
CA ARG B 23 18.19 18.24 24.18
C ARG B 23 17.67 19.59 23.71
N ALA B 24 17.07 20.39 24.61
CA ALA B 24 16.57 21.69 24.22
C ALA B 24 17.67 22.58 23.65
N ASN B 25 18.93 22.30 24.00
CA ASN B 25 20.07 23.11 23.58
C ASN B 25 20.88 22.47 22.47
N LEU B 26 20.34 21.43 21.84
CA LEU B 26 21.01 20.73 20.76
C LEU B 26 20.30 21.02 19.44
N SER B 27 21.08 21.20 18.38
CA SER B 27 20.56 21.48 17.07
C SER B 27 21.58 20.98 16.06
N PRO B 28 21.22 20.95 14.77
CA PRO B 28 22.19 20.53 13.74
C PRO B 28 23.45 21.38 13.70
N VAL B 29 23.41 22.61 14.21
CA VAL B 29 24.57 23.46 14.19
C VAL B 29 25.25 23.57 15.55
N ASP B 30 24.63 23.06 16.60
CA ASP B 30 25.11 23.25 17.97
C ASP B 30 24.99 21.88 18.65
N ALA B 31 26.07 21.11 18.55
CA ALA B 31 26.16 19.83 19.26
C ALA B 31 27.64 19.47 19.37
N SER B 32 28.05 19.05 20.56
CA SER B 32 29.45 18.69 20.76
C SER B 32 29.81 17.42 20.00
N ALA B 33 31.12 17.30 19.73
CA ALA B 33 31.67 16.08 19.18
C ALA B 33 31.24 14.86 19.98
N GLU B 34 31.30 14.94 21.31
CA GLU B 34 30.97 13.79 22.15
C GLU B 34 29.53 13.32 21.90
N VAL B 35 28.59 14.26 21.83
CA VAL B 35 27.19 13.94 21.62
C VAL B 35 27.00 13.37 20.22
N ARG B 36 27.53 14.05 19.23
CA ARG B 36 27.39 13.57 17.84
C ARG B 36 27.95 12.16 17.70
N ASP B 37 29.11 11.89 18.31
CA ASP B 37 29.74 10.60 18.14
C ASP B 37 28.98 9.49 18.87
N ALA B 38 28.42 9.79 20.05
CA ALA B 38 27.62 8.79 20.75
C ALA B 38 26.36 8.45 19.95
N VAL B 39 25.71 9.46 19.37
CA VAL B 39 24.53 9.20 18.56
C VAL B 39 24.90 8.40 17.34
N GLU B 40 25.95 8.82 16.61
CA GLU B 40 26.34 8.12 15.40
C GLU B 40 26.71 6.68 15.72
N HIS B 41 27.43 6.44 16.82
CA HIS B 41 27.85 5.09 17.14
C HIS B 41 26.68 4.21 17.53
N THR B 42 25.67 4.80 18.18
CA THR B 42 24.47 4.04 18.50
C THR B 42 23.70 3.68 17.24
N ILE B 43 23.53 4.63 16.31
CA ILE B 43 22.86 4.29 15.05
C ILE B 43 23.66 3.23 14.30
N ASP B 44 25.00 3.33 14.30
CA ASP B 44 25.82 2.33 13.65
C ASP B 44 25.54 0.95 14.24
N GLY B 45 25.48 0.88 15.57
CA GLY B 45 25.24 -0.41 16.22
C GLY B 45 23.88 -0.97 15.90
N LEU B 46 22.87 -0.11 15.84
CA LEU B 46 21.54 -0.57 15.41
C LEU B 46 21.58 -1.07 13.98
N ASP B 47 22.26 -0.35 13.08
CA ASP B 47 22.26 -0.74 11.68
C ASP B 47 22.90 -2.11 11.49
N LEU B 48 23.90 -2.45 12.32
CA LEU B 48 24.59 -3.72 12.25
C LEU B 48 23.98 -4.81 13.12
N GLY B 49 22.94 -4.49 13.90
CA GLY B 49 22.33 -5.46 14.78
C GLY B 49 23.09 -5.72 16.05
N ARG B 50 24.14 -4.96 16.32
CA ARG B 50 24.92 -5.14 17.54
C ARG B 50 24.20 -4.54 18.73
N LEU B 51 23.35 -3.56 18.50
CA LEU B 51 22.42 -3.01 19.44
C LEU B 51 21.01 -3.26 18.93
N ARG B 52 20.05 -3.34 19.84
CA ARG B 52 18.66 -3.46 19.43
C ARG B 52 17.79 -2.73 20.45
N VAL B 53 16.69 -2.15 19.96
CA VAL B 53 15.85 -1.33 20.84
C VAL B 53 15.23 -2.16 21.95
N ALA B 54 14.81 -3.38 21.66
CA ALA B 54 14.27 -4.27 22.67
C ALA B 54 14.88 -5.64 22.45
N GLU B 55 15.01 -6.39 23.54
CA GLU B 55 15.45 -7.77 23.44
C GLU B 55 14.78 -8.61 24.51
N LYS B 56 14.85 -9.90 24.32
CA LYS B 56 14.14 -10.83 25.19
C LYS B 56 15.16 -11.38 26.18
N ILE B 57 15.00 -11.03 27.45
CA ILE B 57 15.91 -11.42 28.52
C ILE B 57 15.07 -12.08 29.61
N ASP B 58 15.48 -13.27 30.01
CA ASP B 58 14.74 -14.04 31.02
C ASP B 58 13.28 -14.21 30.60
N ASP B 59 13.07 -14.44 29.30
CA ASP B 59 11.76 -14.74 28.73
C ASP B 59 10.81 -13.54 28.77
N GLN B 60 11.34 -12.33 28.91
CA GLN B 60 10.54 -11.11 28.91
C GLN B 60 11.19 -10.07 28.01
N TRP B 61 10.38 -9.41 27.18
CA TRP B 61 10.92 -8.36 26.33
C TRP B 61 11.16 -7.11 27.18
N ILE B 62 12.35 -6.55 27.03
CA ILE B 62 12.75 -5.35 27.75
C ILE B 62 13.21 -4.33 26.73
N VAL B 63 12.90 -3.07 26.97
CA VAL B 63 13.21 -1.98 26.07
C VAL B 63 14.41 -1.21 26.62
N HIS B 64 15.26 -0.74 25.71
CA HIS B 64 16.38 0.12 26.06
C HIS B 64 16.01 1.55 25.71
N GLN B 65 15.49 2.28 26.69
CA GLN B 65 15.05 3.65 26.42
C GLN B 65 16.19 4.50 25.88
N TRP B 66 17.40 4.29 26.36
CA TRP B 66 18.50 5.16 25.90
C TRP B 66 18.72 5.02 24.42
N ILE B 67 18.46 3.84 23.84
CA ILE B 67 18.63 3.67 22.39
C ILE B 67 17.56 4.44 21.65
N LYS B 68 16.32 4.42 22.14
CA LYS B 68 15.30 5.27 21.55
C LYS B 68 15.69 6.74 21.65
N LYS B 69 16.23 7.15 22.80
CA LYS B 69 16.71 8.53 22.93
C LYS B 69 17.75 8.86 21.86
N ALA B 70 18.67 7.93 21.58
CA ALA B 70 19.67 8.17 20.54
C ALA B 70 19.03 8.34 19.18
N VAL B 71 18.01 7.53 18.88
CA VAL B 71 17.33 7.65 17.60
C VAL B 71 16.67 9.01 17.47
N LEU B 72 15.95 9.44 18.52
CA LEU B 72 15.30 10.75 18.49
C LEU B 72 16.32 11.86 18.38
N LEU B 73 17.44 11.76 19.09
CA LEU B 73 18.50 12.76 18.95
C LEU B 73 19.05 12.79 17.53
N SER B 74 19.11 11.63 16.84
CA SER B 74 19.64 11.63 15.48
C SER B 74 18.76 12.46 14.55
N PHE B 75 17.47 12.60 14.87
CA PHE B 75 16.62 13.48 14.09
C PHE B 75 16.93 14.94 14.42
N ARG B 76 17.10 15.24 15.70
CA ARG B 76 17.36 16.61 16.14
C ARG B 76 18.70 17.14 15.63
N LEU B 77 19.66 16.26 15.41
CA LEU B 77 21.00 16.70 15.06
C LEU B 77 21.21 16.85 13.57
N HIS B 78 20.22 16.58 12.75
CA HIS B 78 20.37 16.67 11.30
C HIS B 78 19.28 17.51 10.66
N ASP B 79 19.70 18.37 9.73
CA ASP B 79 18.75 19.06 8.89
C ASP B 79 18.31 18.15 7.76
N ASN B 80 17.16 18.46 7.19
CA ASN B 80 16.74 17.79 5.96
C ASN B 80 17.71 18.15 4.84
N ALA B 81 17.87 17.21 3.91
CA ALA B 81 18.75 17.36 2.78
C ALA B 81 18.10 16.75 1.56
N VAL B 82 18.42 17.31 0.39
CA VAL B 82 17.93 16.73 -0.86
CA VAL B 82 17.96 16.74 -0.87
C VAL B 82 18.57 15.36 -1.05
N MET B 83 17.75 14.43 -1.54
CA MET B 83 18.18 13.07 -1.85
C MET B 83 17.53 12.71 -3.17
N GLY B 84 18.29 12.15 -4.12
CA GLY B 84 17.69 11.68 -5.37
C GLY B 84 17.70 12.70 -6.49
N GLN B 85 16.90 12.44 -7.53
CA GLN B 85 16.84 13.29 -8.71
C GLN B 85 15.59 12.97 -9.54
N GLY B 86 15.15 13.96 -10.31
CA GLY B 86 14.13 13.75 -11.31
C GLY B 86 12.78 13.35 -10.74
N PRO B 87 12.21 12.25 -11.26
CA PRO B 87 10.91 11.81 -10.77
C PRO B 87 10.97 11.17 -9.40
N LEU B 88 12.18 11.01 -8.85
CA LEU B 88 12.38 10.36 -7.57
C LEU B 88 13.28 11.29 -6.75
N GLN B 89 12.73 12.44 -6.40
CA GLN B 89 13.44 13.48 -5.66
C GLN B 89 12.83 13.62 -4.27
N PHE B 90 13.69 13.62 -3.25
CA PHE B 90 13.23 13.54 -1.88
C PHE B 90 13.95 14.58 -1.04
N TYR B 91 13.50 14.73 0.22
CA TYR B 91 14.03 15.77 1.11
C TYR B 91 13.78 15.30 2.55
N ASP B 92 14.82 14.83 3.22
CA ASP B 92 14.64 14.19 4.52
C ASP B 92 15.98 14.22 5.24
N LYS B 93 15.92 13.89 6.52
CA LYS B 93 17.06 14.01 7.41
C LYS B 93 17.59 12.66 7.87
N VAL B 94 17.00 11.56 7.43
CA VAL B 94 17.44 10.22 7.78
C VAL B 94 17.98 9.54 6.53
N PRO B 95 19.22 9.09 6.52
CA PRO B 95 19.75 8.40 5.34
C PRO B 95 19.07 7.08 5.10
N THR B 96 19.02 6.66 3.82
CA THR B 96 18.57 5.31 3.53
C THR B 96 19.70 4.33 3.82
N LYS B 97 19.31 3.08 4.03
CA LYS B 97 20.24 2.11 4.56
C LYS B 97 21.28 1.70 3.54
N PHE B 98 20.88 1.58 2.28
CA PHE B 98 21.72 0.95 1.26
C PHE B 98 22.41 1.92 0.33
N ALA B 99 22.26 3.22 0.54
CA ALA B 99 23.00 4.20 -0.26
C ALA B 99 24.49 3.88 -0.23
N GLY B 100 25.07 3.77 -1.42
CA GLY B 100 26.49 3.50 -1.51
C GLY B 100 26.89 2.05 -1.43
N TYR B 101 25.95 1.13 -1.16
CA TYR B 101 26.31 -0.27 -1.16
C TYR B 101 26.60 -0.72 -2.58
N GLY B 102 27.66 -1.52 -2.71
CA GLY B 102 27.92 -2.29 -3.90
C GLY B 102 27.75 -3.77 -3.65
N GLU B 103 28.25 -4.55 -4.60
CA GLU B 103 28.15 -6.00 -4.55
C GLU B 103 28.70 -6.56 -3.25
N ALA B 104 29.87 -6.09 -2.82
CA ALA B 104 30.48 -6.65 -1.62
C ALA B 104 29.61 -6.45 -0.38
N ALA B 105 29.07 -5.25 -0.20
CA ALA B 105 28.25 -4.99 0.99
C ALA B 105 26.98 -5.83 0.97
N PHE B 106 26.33 -5.90 -0.19
CA PHE B 106 25.09 -6.68 -0.26
C PHE B 106 25.36 -8.16 -0.11
N LYS B 107 26.40 -8.67 -0.77
CA LYS B 107 26.74 -10.09 -0.63
C LYS B 107 27.02 -10.42 0.83
N ALA B 108 27.68 -9.50 1.55
CA ALA B 108 27.99 -9.73 2.95
C ALA B 108 26.73 -9.75 3.81
N GLY B 109 25.73 -8.93 3.49
CA GLY B 109 24.52 -8.88 4.28
C GLY B 109 23.66 -10.11 4.16
N GLY B 110 23.67 -10.75 2.99
CA GLY B 110 23.00 -12.02 2.81
C GLY B 110 21.50 -11.92 2.60
N TYR B 111 20.96 -10.74 2.33
CA TYR B 111 19.53 -10.55 2.10
C TYR B 111 19.30 -10.01 0.69
N ARG B 112 18.02 -9.95 0.30
CA ARG B 112 17.62 -9.41 -0.99
C ARG B 112 16.75 -8.18 -0.80
N VAL B 113 16.95 -7.20 -1.67
CA VAL B 113 16.21 -5.94 -1.64
C VAL B 113 15.60 -5.77 -3.03
N VAL B 114 14.31 -6.07 -3.16
CA VAL B 114 13.63 -6.09 -4.46
C VAL B 114 13.15 -4.66 -4.75
N PRO B 115 13.50 -4.09 -5.91
CA PRO B 115 13.06 -2.70 -6.22
C PRO B 115 11.55 -2.61 -6.23
N PRO B 116 10.94 -1.56 -5.66
CA PRO B 116 11.56 -0.37 -5.06
C PRO B 116 11.60 -0.37 -3.53
N ALA B 117 11.92 -1.49 -2.89
CA ALA B 117 12.00 -1.51 -1.43
C ALA B 117 13.06 -0.53 -0.91
N VAL B 118 12.76 0.07 0.25
CA VAL B 118 13.66 0.99 0.92
C VAL B 118 13.66 0.67 2.41
N ALA B 119 14.84 0.79 3.01
CA ALA B 119 14.99 0.77 4.46
C ALA B 119 15.78 1.98 4.88
N ARG B 120 15.54 2.45 6.10
CA ARG B 120 16.37 3.52 6.67
C ARG B 120 17.62 2.98 7.35
N ARG B 121 18.68 3.78 7.30
CA ARG B 121 19.88 3.44 8.05
C ARG B 121 19.54 3.41 9.54
N GLY B 122 20.05 2.37 10.21
CA GLY B 122 19.68 2.14 11.59
C GLY B 122 18.63 1.08 11.79
N ALA B 123 18.14 0.46 10.72
CA ALA B 123 17.36 -0.77 10.78
C ALA B 123 18.29 -1.94 10.49
N PHE B 124 18.11 -3.04 11.22
CA PHE B 124 18.92 -4.24 11.01
C PHE B 124 18.14 -5.23 10.16
N ILE B 125 18.76 -5.72 9.09
CA ILE B 125 18.19 -6.76 8.23
C ILE B 125 19.14 -7.95 8.28
N ALA B 126 18.63 -9.10 8.73
CA ALA B 126 19.44 -10.29 8.88
C ALA B 126 19.63 -11.04 7.55
N ARG B 127 20.49 -12.05 7.60
CA ARG B 127 20.70 -12.94 6.46
C ARG B 127 19.41 -13.64 6.06
N ASN B 128 19.27 -13.90 4.75
CA ASN B 128 18.17 -14.69 4.19
C ASN B 128 16.81 -14.01 4.29
N VAL B 129 16.77 -12.72 4.62
CA VAL B 129 15.56 -11.92 4.54
C VAL B 129 15.33 -11.56 3.08
N VAL B 130 14.08 -11.52 2.69
CA VAL B 130 13.68 -10.99 1.38
C VAL B 130 12.80 -9.79 1.63
N LEU B 131 13.24 -8.61 1.21
CA LEU B 131 12.42 -7.41 1.22
C LEU B 131 11.84 -7.28 -0.18
N MET B 132 10.59 -7.71 -0.36
CA MET B 132 9.84 -7.30 -1.53
C MET B 132 9.62 -5.80 -1.41
N PRO B 133 9.06 -5.13 -2.41
CA PRO B 133 8.80 -3.69 -2.24
C PRO B 133 8.08 -3.42 -0.92
N SER B 134 8.67 -2.61 -0.04
CA SER B 134 8.24 -2.54 1.34
C SER B 134 9.07 -1.42 1.97
N TYR B 135 8.79 -1.14 3.24
CA TYR B 135 9.51 -0.11 3.97
C TYR B 135 9.89 -0.64 5.33
N VAL B 136 11.15 -0.45 5.71
CA VAL B 136 11.65 -0.79 7.04
C VAL B 136 12.23 0.48 7.68
N ASN B 137 11.64 0.90 8.78
CA ASN B 137 11.97 2.17 9.41
C ASN B 137 13.10 1.99 10.41
N ILE B 138 13.68 3.13 10.81
CA ILE B 138 14.84 3.15 11.71
C ILE B 138 14.52 2.45 13.02
N GLY B 139 15.51 1.71 13.53
CA GLY B 139 15.36 0.98 14.77
C GLY B 139 14.74 -0.38 14.69
N ALA B 140 14.17 -0.74 13.55
CA ALA B 140 13.57 -2.05 13.41
C ALA B 140 14.65 -3.11 13.32
N TYR B 141 14.28 -4.33 13.70
CA TYR B 141 15.18 -5.48 13.66
C TYR B 141 14.43 -6.59 12.96
N VAL B 142 14.93 -7.04 11.82
CA VAL B 142 14.25 -8.06 11.01
C VAL B 142 15.15 -9.29 10.96
N ASP B 143 14.79 -10.34 11.69
CA ASP B 143 15.68 -11.48 11.90
C ASP B 143 15.64 -12.47 10.74
N GLU B 144 16.47 -13.50 10.86
CA GLU B 144 16.89 -14.34 9.75
C GLU B 144 15.72 -15.05 9.10
N GLY B 145 15.72 -15.08 7.75
CA GLY B 145 14.79 -15.89 7.00
C GLY B 145 13.41 -15.27 6.83
N THR B 146 13.20 -14.05 7.30
CA THR B 146 11.91 -13.41 7.25
C THR B 146 11.61 -12.86 5.87
N MET B 147 10.36 -13.04 5.47
CA MET B 147 9.85 -12.54 4.20
C MET B 147 9.00 -11.31 4.51
N VAL B 148 9.35 -10.18 3.91
CA VAL B 148 8.57 -8.95 4.02
C VAL B 148 7.94 -8.73 2.66
N ASP B 149 6.62 -8.95 2.53
CA ASP B 149 5.98 -8.96 1.22
C ASP B 149 5.57 -7.56 0.76
N THR B 150 4.96 -7.50 -0.42
CA THR B 150 4.81 -6.25 -1.16
C THR B 150 3.89 -5.26 -0.44
N TRP B 151 4.41 -4.06 -0.30
CA TRP B 151 3.76 -2.94 0.40
C TRP B 151 3.53 -3.21 1.88
N ALA B 152 4.30 -4.11 2.46
CA ALA B 152 4.37 -4.24 3.92
C ALA B 152 5.25 -3.12 4.49
N THR B 153 5.09 -2.91 5.81
CA THR B 153 5.83 -1.92 6.55
C THR B 153 6.27 -2.49 7.87
N VAL B 154 7.55 -2.34 8.19
CA VAL B 154 8.09 -2.63 9.52
C VAL B 154 8.44 -1.29 10.15
N GLY B 155 7.64 -0.89 11.11
CA GLY B 155 7.77 0.43 11.69
C GLY B 155 8.92 0.56 12.68
N SER B 156 9.11 1.79 13.12
CA SER B 156 10.27 2.10 13.95
CA SER B 156 10.26 2.11 13.96
C SER B 156 10.31 1.23 15.21
N CYS B 157 11.49 0.69 15.48
CA CYS B 157 11.80 -0.08 16.68
C CYS B 157 11.15 -1.46 16.71
N ALA B 158 10.38 -1.85 15.71
CA ALA B 158 9.68 -3.13 15.75
C ALA B 158 10.68 -4.26 15.68
N GLN B 159 10.38 -5.34 16.39
CA GLN B 159 11.24 -6.52 16.48
C GLN B 159 10.53 -7.66 15.77
N ILE B 160 11.06 -8.10 14.64
CA ILE B 160 10.52 -9.17 13.81
C ILE B 160 11.45 -10.36 13.95
N GLY B 161 10.90 -11.50 14.36
CA GLY B 161 11.67 -12.69 14.63
C GLY B 161 12.14 -13.41 13.38
N LYS B 162 12.67 -14.60 13.59
CA LYS B 162 13.18 -15.43 12.51
C LYS B 162 12.03 -16.16 11.82
N ASN B 163 12.18 -16.32 10.50
CA ASN B 163 11.25 -17.16 9.72
C ASN B 163 9.82 -16.67 9.86
N VAL B 164 9.67 -15.34 9.96
CA VAL B 164 8.36 -14.70 9.94
C VAL B 164 7.94 -14.44 8.51
N HIS B 165 6.66 -14.54 8.24
CA HIS B 165 6.11 -14.14 6.96
C HIS B 165 5.16 -12.97 7.19
N LEU B 166 5.57 -11.77 6.76
CA LEU B 166 4.70 -10.57 6.75
C LEU B 166 4.11 -10.50 5.35
N SER B 167 2.83 -10.83 5.22
CA SER B 167 2.20 -10.92 3.92
C SER B 167 1.95 -9.52 3.33
N GLY B 168 1.35 -9.53 2.15
CA GLY B 168 1.19 -8.27 1.42
C GLY B 168 0.41 -7.23 2.21
N GLY B 169 0.90 -6.00 2.18
CA GLY B 169 0.19 -4.92 2.81
C GLY B 169 0.12 -4.98 4.32
N VAL B 170 0.95 -5.82 4.97
CA VAL B 170 0.92 -5.90 6.44
C VAL B 170 1.69 -4.74 7.02
N GLY B 171 1.14 -4.11 8.05
CA GLY B 171 1.79 -3.02 8.75
C GLY B 171 2.09 -3.43 10.19
N ILE B 172 3.34 -3.24 10.56
CA ILE B 172 3.82 -3.42 11.95
C ILE B 172 4.13 -2.03 12.48
N GLY B 173 3.37 -1.60 13.46
CA GLY B 173 3.38 -0.21 13.88
C GLY B 173 4.62 0.16 14.65
N GLY B 174 5.09 1.37 14.39
CA GLY B 174 6.26 1.87 15.11
C GLY B 174 5.94 2.38 16.49
N VAL B 175 6.95 2.31 17.35
CA VAL B 175 6.86 2.81 18.72
C VAL B 175 8.20 3.42 19.11
N LEU B 176 8.39 4.68 18.79
CA LEU B 176 9.55 5.43 19.28
CA LEU B 176 9.55 5.43 19.28
C LEU B 176 9.18 6.16 20.57
N GLU B 177 8.17 7.03 20.51
CA GLU B 177 7.55 7.54 21.72
C GLU B 177 6.26 6.77 21.95
N PRO B 178 5.83 6.59 23.20
CA PRO B 178 6.49 7.01 24.41
C PRO B 178 7.76 6.22 24.64
N LEU B 179 8.76 6.85 25.29
CA LEU B 179 10.05 6.19 25.47
C LEU B 179 9.88 4.89 26.26
N GLN B 180 8.96 4.89 27.25
CA GLN B 180 8.80 3.81 28.19
C GLN B 180 8.14 2.59 27.57
N ALA B 181 7.52 2.75 26.42
CA ALA B 181 6.71 1.70 25.82
C ALA B 181 7.53 0.71 25.00
N ASN B 182 7.23 -0.58 25.17
CA ASN B 182 7.91 -1.60 24.36
C ASN B 182 7.42 -1.50 22.91
N PRO B 183 8.27 -1.84 21.96
CA PRO B 183 7.88 -1.80 20.56
C PRO B 183 6.98 -2.98 20.20
N THR B 184 6.42 -2.90 19.01
CA THR B 184 5.63 -4.02 18.49
C THR B 184 6.55 -5.19 18.19
N ILE B 185 6.13 -6.39 18.58
CA ILE B 185 6.95 -7.60 18.53
C ILE B 185 6.19 -8.69 17.80
N ILE B 186 6.79 -9.22 16.74
CA ILE B 186 6.31 -10.43 16.07
C ILE B 186 7.37 -11.49 16.28
N GLU B 187 7.08 -12.52 17.07
CA GLU B 187 8.08 -13.53 17.43
C GLU B 187 8.27 -14.53 16.29
N ASP B 188 9.21 -15.46 16.51
CA ASP B 188 9.67 -16.37 15.47
C ASP B 188 8.51 -17.18 14.89
N ASN B 189 8.59 -17.44 13.58
CA ASN B 189 7.76 -18.40 12.88
C ASN B 189 6.32 -17.95 12.69
N CYS B 190 5.99 -16.70 12.95
CA CYS B 190 4.61 -16.26 12.81
C CYS B 190 4.30 -16.02 11.34
N PHE B 191 3.05 -16.24 10.97
CA PHE B 191 2.51 -15.88 9.66
C PHE B 191 1.49 -14.77 9.91
N ILE B 192 1.70 -13.61 9.31
CA ILE B 192 0.80 -12.47 9.45
C ILE B 192 0.12 -12.28 8.10
N GLY B 193 -1.18 -12.56 8.03
CA GLY B 193 -1.89 -12.53 6.78
C GLY B 193 -2.09 -11.15 6.20
N ALA B 194 -2.36 -11.14 4.89
CA ALA B 194 -2.35 -9.91 4.12
C ALA B 194 -3.30 -8.89 4.70
N ARG B 195 -2.89 -7.62 4.66
CA ARG B 195 -3.67 -6.46 5.08
C ARG B 195 -3.76 -6.33 6.60
N SER B 196 -3.24 -7.27 7.37
CA SER B 196 -3.29 -7.15 8.81
C SER B 196 -2.41 -5.99 9.30
N GLU B 197 -2.69 -5.55 10.50
CA GLU B 197 -1.92 -4.47 11.14
C GLU B 197 -1.74 -4.85 12.59
N VAL B 198 -0.52 -4.73 13.09
CA VAL B 198 -0.22 -5.01 14.49
C VAL B 198 0.57 -3.80 14.97
N VAL B 199 0.03 -3.08 15.95
CA VAL B 199 0.58 -1.78 16.31
C VAL B 199 0.75 -1.65 17.82
N GLU B 200 1.41 -0.57 18.23
CA GLU B 200 1.30 -0.05 19.58
C GLU B 200 1.83 -1.05 20.61
N GLY B 201 2.87 -1.80 20.24
CA GLY B 201 3.48 -2.67 21.24
C GLY B 201 2.77 -3.98 21.48
N VAL B 202 1.76 -4.32 20.70
CA VAL B 202 1.20 -5.66 20.75
C VAL B 202 2.31 -6.67 20.52
N VAL B 203 2.24 -7.79 21.24
CA VAL B 203 3.19 -8.88 21.09
C VAL B 203 2.44 -10.06 20.50
N VAL B 204 2.88 -10.53 19.33
CA VAL B 204 2.40 -11.76 18.75
C VAL B 204 3.43 -12.83 19.04
N GLU B 205 3.09 -13.78 19.89
CA GLU B 205 4.04 -14.80 20.33
C GLU B 205 4.28 -15.83 19.24
N GLU B 206 5.34 -16.62 19.44
CA GLU B 206 5.89 -17.46 18.39
C GLU B 206 4.86 -18.46 17.89
N ASN B 207 4.98 -18.77 16.60
CA ASN B 207 4.21 -19.83 15.95
C ASN B 207 2.76 -19.46 15.73
N SER B 208 2.40 -18.19 15.86
CA SER B 208 1.02 -17.77 15.68
C SER B 208 0.74 -17.50 14.21
N VAL B 209 -0.54 -17.52 13.89
CA VAL B 209 -1.04 -17.28 12.54
C VAL B 209 -2.15 -16.25 12.65
N LEU B 210 -2.01 -15.14 11.93
CA LEU B 210 -3.09 -14.17 11.76
C LEU B 210 -3.64 -14.33 10.35
N ALA B 211 -4.97 -14.44 10.23
CA ALA B 211 -5.63 -14.43 8.94
C ALA B 211 -5.51 -13.04 8.32
N MET B 212 -6.02 -12.92 7.11
CA MET B 212 -6.04 -11.61 6.45
C MET B 212 -6.94 -10.66 7.22
N GLY B 213 -6.55 -9.40 7.29
CA GLY B 213 -7.44 -8.39 7.83
C GLY B 213 -7.60 -8.37 9.32
N VAL B 214 -6.63 -8.87 10.07
CA VAL B 214 -6.64 -8.78 11.54
C VAL B 214 -5.94 -7.48 11.93
N PHE B 215 -6.63 -6.63 12.69
CA PHE B 215 -6.09 -5.34 13.12
C PHE B 215 -5.98 -5.34 14.65
N LEU B 216 -4.74 -5.32 15.16
CA LEU B 216 -4.50 -5.39 16.60
C LEU B 216 -3.77 -4.14 17.08
N SER B 217 -4.38 -3.44 18.02
CA SER B 217 -3.72 -2.44 18.84
C SER B 217 -3.89 -2.87 20.30
N GLN B 218 -3.45 -2.03 21.22
CA GLN B 218 -3.67 -2.37 22.62
C GLN B 218 -5.16 -2.34 23.00
N SER B 219 -5.99 -1.63 22.25
CA SER B 219 -7.39 -1.52 22.59
CA SER B 219 -7.40 -1.50 22.57
C SER B 219 -8.27 -2.59 21.95
N THR B 220 -7.73 -3.37 21.02
CA THR B 220 -8.52 -4.38 20.34
C THR B 220 -8.88 -5.52 21.27
N LYS B 221 -10.17 -5.85 21.34
CA LYS B 221 -10.57 -7.03 22.08
C LYS B 221 -10.11 -8.28 21.35
N ILE B 222 -9.45 -9.18 22.07
CA ILE B 222 -9.05 -10.47 21.56
C ILE B 222 -9.92 -11.48 22.29
N TYR B 223 -10.91 -12.02 21.58
CA TYR B 223 -11.84 -12.97 22.14
C TYR B 223 -11.32 -14.38 21.93
N ASP B 224 -11.13 -15.08 23.04
CA ASP B 224 -10.63 -16.45 23.02
C ASP B 224 -11.83 -17.38 22.96
N ARG B 225 -12.05 -17.99 21.80
CA ARG B 225 -13.25 -18.81 21.64
C ARG B 225 -13.29 -19.95 22.65
N ALA B 226 -12.12 -20.47 23.00
CA ALA B 226 -12.11 -21.62 23.92
C ALA B 226 -12.57 -21.24 25.32
N THR B 227 -12.27 -20.02 25.78
CA THR B 227 -12.61 -19.63 27.13
C THR B 227 -13.82 -18.69 27.22
N GLY B 228 -14.19 -18.04 26.12
CA GLY B 228 -15.23 -17.04 26.17
C GLY B 228 -14.80 -15.72 26.75
N LYS B 229 -13.51 -15.48 26.91
CA LYS B 229 -13.01 -14.31 27.60
C LYS B 229 -12.25 -13.40 26.64
N VAL B 230 -12.35 -12.10 26.93
CA VAL B 230 -11.65 -11.06 26.20
C VAL B 230 -10.36 -10.70 26.90
N SER B 231 -9.32 -10.52 26.11
CA SER B 231 -8.05 -10.01 26.61
C SER B 231 -7.48 -9.06 25.58
N TYR B 232 -6.30 -8.51 25.88
CA TYR B 232 -5.75 -7.43 25.09
C TYR B 232 -4.24 -7.53 25.02
N GLY B 233 -3.68 -7.07 23.91
CA GLY B 233 -2.28 -6.72 23.86
C GLY B 233 -1.32 -7.84 23.52
N ARG B 234 -1.77 -9.08 23.45
CA ARG B 234 -0.83 -10.19 23.31
C ARG B 234 -1.55 -11.37 22.71
N VAL B 235 -0.93 -11.98 21.71
CA VAL B 235 -1.44 -13.20 21.08
C VAL B 235 -0.61 -14.37 21.61
N PRO B 236 -1.19 -15.28 22.40
CA PRO B 236 -0.41 -16.41 22.92
C PRO B 236 0.17 -17.28 21.82
N SER B 237 1.31 -17.91 22.14
CA SER B 237 2.02 -18.69 21.13
C SER B 237 1.12 -19.76 20.53
N GLY B 238 1.21 -19.90 19.21
CA GLY B 238 0.47 -20.94 18.52
C GLY B 238 -0.96 -20.60 18.22
N SER B 239 -1.40 -19.38 18.51
CA SER B 239 -2.79 -19.04 18.30
C SER B 239 -3.07 -18.79 16.83
N VAL B 240 -4.26 -19.17 16.38
CA VAL B 240 -4.79 -18.81 15.07
C VAL B 240 -5.84 -17.75 15.30
N VAL B 241 -5.63 -16.57 14.71
CA VAL B 241 -6.44 -15.39 15.00
C VAL B 241 -7.11 -14.96 13.70
N VAL B 242 -8.43 -14.75 13.75
CA VAL B 242 -9.21 -14.34 12.58
C VAL B 242 -10.07 -13.14 12.95
N PRO B 243 -10.51 -12.36 11.95
CA PRO B 243 -11.44 -11.27 12.26
C PRO B 243 -12.83 -11.80 12.63
N GLY B 244 -13.40 -11.18 13.64
CA GLY B 244 -14.76 -11.52 14.02
C GLY B 244 -15.42 -10.36 14.73
N SER B 245 -16.42 -10.65 15.55
CA SER B 245 -17.13 -9.60 16.23
C SER B 245 -17.83 -10.16 17.45
N LEU B 246 -18.23 -9.23 18.31
CA LEU B 246 -19.00 -9.54 19.51
C LEU B 246 -20.29 -8.74 19.47
N PRO B 247 -21.42 -9.38 19.80
CA PRO B 247 -22.70 -8.70 19.76
C PRO B 247 -22.92 -7.79 20.94
N SER B 248 -23.65 -6.70 20.69
CA SER B 248 -24.09 -5.87 21.80
C SER B 248 -25.12 -6.61 22.66
N GLU B 249 -25.26 -6.16 23.91
CA GLU B 249 -26.17 -6.80 24.83
C GLU B 249 -27.59 -6.84 24.28
N ASP B 250 -28.00 -5.79 23.56
CA ASP B 250 -29.37 -5.72 23.07
C ASP B 250 -29.55 -6.33 21.70
N GLY B 251 -28.49 -6.82 21.08
CA GLY B 251 -28.60 -7.48 19.79
C GLY B 251 -28.73 -6.56 18.61
N SER B 252 -28.66 -5.24 18.82
CA SER B 252 -28.88 -4.32 17.72
C SER B 252 -27.70 -4.29 16.75
N HIS B 253 -26.49 -4.61 17.20
CA HIS B 253 -25.31 -4.47 16.35
C HIS B 253 -24.19 -5.29 16.97
N SER B 254 -23.06 -5.36 16.25
CA SER B 254 -21.83 -5.93 16.77
C SER B 254 -20.69 -4.96 16.50
N LEU B 255 -19.63 -5.14 17.27
CA LEU B 255 -18.37 -4.44 17.05
C LEU B 255 -17.29 -5.45 16.69
N ALA B 256 -16.47 -5.10 15.70
CA ALA B 256 -15.43 -6.02 15.26
C ALA B 256 -14.36 -6.20 16.32
N CYS B 257 -13.80 -7.41 16.35
CA CYS B 257 -12.73 -7.76 17.27
C CYS B 257 -11.87 -8.84 16.59
N ALA B 258 -10.83 -9.26 17.28
CA ALA B 258 -10.08 -10.43 16.84
C ALA B 258 -10.58 -11.64 17.61
N VAL B 259 -10.60 -12.79 16.97
CA VAL B 259 -11.04 -14.02 17.61
C VAL B 259 -9.95 -15.08 17.48
N ILE B 260 -9.54 -15.66 18.60
CA ILE B 260 -8.65 -16.82 18.59
C ILE B 260 -9.51 -18.05 18.43
N VAL B 261 -9.37 -18.74 17.31
CA VAL B 261 -10.19 -19.90 16.99
C VAL B 261 -9.52 -21.21 17.33
N LYS B 262 -8.20 -21.24 17.48
CA LYS B 262 -7.51 -22.44 17.94
C LYS B 262 -6.10 -22.07 18.36
N ARG B 263 -5.45 -22.99 19.06
CA ARG B 263 -4.08 -22.79 19.49
C ARG B 263 -3.36 -24.12 19.29
N VAL B 264 -2.23 -24.07 18.60
CA VAL B 264 -1.51 -25.27 18.16
C VAL B 264 -0.16 -25.32 18.87
N HIS C 8 -6.29 39.07 -26.22
CA HIS C 8 -5.79 37.71 -26.59
C HIS C 8 -5.61 36.82 -25.35
N THR C 9 -5.22 37.40 -24.22
CA THR C 9 -5.06 36.68 -22.96
C THR C 9 -6.17 37.11 -22.00
N LEU C 10 -6.94 36.13 -21.52
CA LEU C 10 -8.00 36.36 -20.54
C LEU C 10 -7.59 35.75 -19.21
N ASP C 11 -8.43 35.97 -18.19
CA ASP C 11 -8.21 35.33 -16.90
C ASP C 11 -8.22 33.81 -17.07
N LEU C 12 -7.76 33.12 -16.04
CA LEU C 12 -7.62 31.67 -16.12
C LEU C 12 -8.97 31.00 -16.32
N GLN C 13 -9.95 31.35 -15.50
CA GLN C 13 -11.22 30.62 -15.52
C GLN C 13 -11.90 30.72 -16.88
N THR C 14 -11.93 31.93 -17.45
CA THR C 14 -12.58 32.10 -18.73
C THR C 14 -11.88 31.32 -19.82
N THR C 15 -10.55 31.36 -19.85
CA THR C 15 -9.81 30.63 -20.88
C THR C 15 -10.10 29.14 -20.76
N ILE C 16 -10.16 28.62 -19.53
CA ILE C 16 -10.39 27.19 -19.29
C ILE C 16 -11.80 26.80 -19.71
N GLU C 17 -12.80 27.57 -19.31
CA GLU C 17 -14.17 27.24 -19.68
C GLU C 17 -14.37 27.28 -21.20
N GLN C 18 -13.75 28.25 -21.88
CA GLN C 18 -13.78 28.28 -23.34
C GLN C 18 -13.17 27.01 -23.92
N ALA C 19 -11.99 26.64 -23.45
CA ALA C 19 -11.30 25.47 -23.99
C ALA C 19 -12.09 24.21 -23.73
N TRP C 20 -12.77 24.14 -22.58
CA TRP C 20 -13.54 22.94 -22.26
C TRP C 20 -14.56 22.63 -23.34
N GLU C 21 -15.23 23.65 -23.86
CA GLU C 21 -16.23 23.38 -24.89
C GLU C 21 -15.62 22.83 -26.16
N ASN C 22 -14.35 23.13 -26.42
CA ASN C 22 -13.66 22.62 -27.59
C ASN C 22 -12.83 21.38 -27.31
N ARG C 23 -13.03 20.73 -26.15
CA ARG C 23 -12.10 19.70 -25.71
C ARG C 23 -12.00 18.55 -26.70
N ALA C 24 -12.97 18.41 -27.60
CA ALA C 24 -12.86 17.37 -28.62
C ALA C 24 -11.75 17.68 -29.60
N ASN C 25 -11.59 18.94 -29.98
CA ASN C 25 -10.59 19.37 -30.95
C ASN C 25 -9.21 19.64 -30.32
N LEU C 26 -8.95 19.21 -29.09
CA LEU C 26 -7.73 19.56 -28.40
C LEU C 26 -6.85 18.33 -28.19
N SER C 27 -5.56 18.48 -28.47
CA SER C 27 -4.60 17.41 -28.35
C SER C 27 -3.24 18.02 -28.01
N PRO C 28 -2.22 17.21 -27.75
CA PRO C 28 -0.89 17.78 -27.52
C PRO C 28 -0.38 18.61 -28.71
N VAL C 29 -0.68 18.19 -29.93
CA VAL C 29 -0.11 18.86 -31.10
C VAL C 29 -0.90 20.10 -31.48
N ASP C 30 -2.24 20.05 -31.42
CA ASP C 30 -3.08 21.20 -31.73
C ASP C 30 -3.70 21.75 -30.44
N ALA C 31 -3.20 22.90 -30.02
CA ALA C 31 -3.66 23.55 -28.80
C ALA C 31 -3.02 24.93 -28.78
N SER C 32 -3.83 25.99 -28.70
CA SER C 32 -3.27 27.33 -28.77
C SER C 32 -2.35 27.57 -27.59
N ALA C 33 -1.39 28.48 -27.77
CA ALA C 33 -0.54 28.87 -26.66
C ALA C 33 -1.36 29.45 -25.52
N GLU C 34 -2.45 30.15 -25.85
CA GLU C 34 -3.30 30.72 -24.80
C GLU C 34 -3.89 29.61 -23.94
N VAL C 35 -4.39 28.56 -24.58
CA VAL C 35 -5.00 27.47 -23.81
C VAL C 35 -3.93 26.73 -23.01
N ARG C 36 -2.80 26.42 -23.64
CA ARG C 36 -1.76 25.68 -22.92
C ARG C 36 -1.26 26.47 -21.72
N ASP C 37 -1.04 27.78 -21.90
CA ASP C 37 -0.56 28.62 -20.80
C ASP C 37 -1.59 28.70 -19.69
N ALA C 38 -2.87 28.80 -20.03
CA ALA C 38 -3.91 28.84 -19.00
C ALA C 38 -3.94 27.56 -18.19
N VAL C 39 -3.92 26.42 -18.86
CA VAL C 39 -3.90 25.14 -18.14
C VAL C 39 -2.67 25.07 -17.25
N GLU C 40 -1.51 25.39 -17.81
CA GLU C 40 -0.27 25.30 -17.04
C GLU C 40 -0.31 26.23 -15.84
N HIS C 41 -0.89 27.42 -16.00
CA HIS C 41 -0.93 28.37 -14.90
C HIS C 41 -1.93 27.94 -13.83
N THR C 42 -3.01 27.27 -14.23
CA THR C 42 -3.94 26.75 -13.24
C THR C 42 -3.29 25.65 -12.41
N ILE C 43 -2.59 24.72 -13.08
CA ILE C 43 -1.86 23.68 -12.36
C ILE C 43 -0.83 24.32 -11.43
N ASP C 44 -0.12 25.35 -11.93
CA ASP C 44 0.83 26.05 -11.07
C ASP C 44 0.15 26.55 -9.80
N GLY C 45 -1.03 27.15 -9.95
CA GLY C 45 -1.72 27.69 -8.80
C GLY C 45 -2.15 26.61 -7.82
N LEU C 46 -2.59 25.47 -8.35
CA LEU C 46 -2.89 24.32 -7.49
C LEU C 46 -1.66 23.86 -6.75
N ASP C 47 -0.53 23.78 -7.47
CA ASP C 47 0.70 23.27 -6.88
C ASP C 47 1.16 24.12 -5.73
N LEU C 48 0.92 25.44 -5.81
CA LEU C 48 1.33 26.41 -4.80
C LEU C 48 0.28 26.67 -3.74
N GLY C 49 -0.91 26.09 -3.86
CA GLY C 49 -1.96 26.34 -2.89
C GLY C 49 -2.66 27.65 -3.08
N ARG C 50 -2.36 28.37 -4.17
CA ARG C 50 -3.06 29.62 -4.47
C ARG C 50 -4.48 29.36 -4.94
N LEU C 51 -4.69 28.20 -5.56
CA LEU C 51 -5.99 27.74 -6.00
C LEU C 51 -6.23 26.38 -5.35
N ARG C 52 -7.49 26.02 -5.23
CA ARG C 52 -7.83 24.71 -4.68
C ARG C 52 -9.14 24.23 -5.27
N VAL C 53 -9.25 22.90 -5.41
CA VAL C 53 -10.40 22.37 -6.13
C VAL C 53 -11.68 22.62 -5.37
N ALA C 54 -11.63 22.56 -4.04
CA ALA C 54 -12.79 22.84 -3.21
C ALA C 54 -12.31 23.59 -1.99
N GLU C 55 -13.17 24.46 -1.47
CA GLU C 55 -12.85 25.18 -0.25
C GLU C 55 -14.14 25.41 0.53
N LYS C 56 -14.01 25.65 1.82
CA LYS C 56 -15.13 25.81 2.72
C LYS C 56 -15.42 27.30 2.86
N ILE C 57 -16.62 27.70 2.46
CA ILE C 57 -17.03 29.10 2.49
C ILE C 57 -18.41 29.16 3.13
N ASP C 58 -18.56 30.03 4.14
CA ASP C 58 -19.79 30.14 4.91
C ASP C 58 -20.16 28.82 5.58
N ASP C 59 -19.14 28.05 6.00
CA ASP C 59 -19.34 26.76 6.64
C ASP C 59 -19.83 25.69 5.66
N GLN C 60 -19.67 25.90 4.36
CA GLN C 60 -20.10 24.94 3.34
C GLN C 60 -18.96 24.67 2.38
N TRP C 61 -18.71 23.39 2.09
CA TRP C 61 -17.69 23.04 1.11
C TRP C 61 -18.25 23.22 -0.30
N ILE C 62 -17.55 24.02 -1.12
CA ILE C 62 -17.94 24.24 -2.50
C ILE C 62 -16.82 23.83 -3.45
N VAL C 63 -17.20 23.40 -4.64
CA VAL C 63 -16.27 22.90 -5.64
C VAL C 63 -16.14 23.91 -6.76
N HIS C 64 -14.92 24.08 -7.26
CA HIS C 64 -14.64 24.97 -8.40
C HIS C 64 -14.50 24.07 -9.62
N GLN C 65 -15.61 23.91 -10.34
CA GLN C 65 -15.63 23.01 -11.48
C GLN C 65 -14.58 23.40 -12.51
N TRP C 66 -14.35 24.71 -12.68
CA TRP C 66 -13.40 25.13 -13.70
C TRP C 66 -12.00 24.61 -13.42
N ILE C 67 -11.64 24.46 -12.15
CA ILE C 67 -10.31 23.93 -11.81
C ILE C 67 -10.22 22.45 -12.15
N LYS C 68 -11.31 21.70 -11.92
CA LYS C 68 -11.30 20.32 -12.37
C LYS C 68 -11.19 20.23 -13.88
N LYS C 69 -11.89 21.12 -14.59
CA LYS C 69 -11.77 21.17 -16.05
C LYS C 69 -10.33 21.38 -16.46
N ALA C 70 -9.61 22.29 -15.78
CA ALA C 70 -8.21 22.50 -16.12
C ALA C 70 -7.37 21.25 -15.91
N VAL C 71 -7.58 20.54 -14.81
CA VAL C 71 -6.84 19.31 -14.56
C VAL C 71 -7.12 18.29 -15.66
N LEU C 72 -8.38 18.13 -16.04
CA LEU C 72 -8.71 17.18 -17.09
C LEU C 72 -8.12 17.60 -18.43
N LEU C 73 -8.14 18.91 -18.72
CA LEU C 73 -7.51 19.38 -19.94
C LEU C 73 -6.01 19.15 -19.91
N SER C 74 -5.39 19.24 -18.74
CA SER C 74 -3.94 19.02 -18.67
C SER C 74 -3.58 17.61 -19.11
N PHE C 75 -4.48 16.66 -18.89
CA PHE C 75 -4.25 15.30 -19.38
C PHE C 75 -4.35 15.25 -20.90
N ARG C 76 -5.32 15.94 -21.47
CA ARG C 76 -5.55 15.88 -22.90
C ARG C 76 -4.45 16.58 -23.69
N LEU C 77 -3.85 17.61 -23.09
CA LEU C 77 -2.87 18.42 -23.78
C LEU C 77 -1.46 17.88 -23.70
N HIS C 78 -1.21 16.84 -22.92
CA HIS C 78 0.14 16.33 -22.73
C HIS C 78 0.22 14.89 -23.16
N ASP C 79 1.29 14.59 -23.90
CA ASP C 79 1.63 13.22 -24.21
C ASP C 79 2.34 12.59 -23.03
N ASN C 80 2.31 11.27 -22.99
CA ASN C 80 3.16 10.56 -22.05
C ASN C 80 4.63 10.82 -22.37
N ALA C 81 5.44 10.86 -21.33
CA ALA C 81 6.85 11.15 -21.44
C ALA C 81 7.63 10.16 -20.59
N VAL C 82 8.83 9.81 -21.08
CA VAL C 82 9.71 8.97 -20.30
C VAL C 82 10.32 9.74 -19.13
N MET C 83 10.53 9.04 -18.04
CA MET C 83 11.22 9.61 -16.88
C MET C 83 11.65 8.43 -16.02
N GLY C 84 12.73 8.60 -15.29
CA GLY C 84 13.16 7.52 -14.43
C GLY C 84 14.63 7.61 -14.11
N GLN C 85 15.08 6.61 -13.35
CA GLN C 85 16.52 6.46 -13.16
C GLN C 85 16.84 5.02 -12.80
N GLY C 86 17.89 4.51 -13.44
CA GLY C 86 18.31 3.14 -13.23
C GLY C 86 17.21 2.16 -13.53
N PRO C 87 16.98 1.23 -12.61
CA PRO C 87 15.96 0.20 -12.85
C PRO C 87 14.54 0.71 -12.76
N LEU C 88 14.34 1.95 -12.33
CA LEU C 88 12.99 2.49 -12.10
C LEU C 88 12.67 3.43 -13.24
N GLN C 89 11.88 2.93 -14.20
CA GLN C 89 11.57 3.67 -15.42
C GLN C 89 10.07 3.75 -15.61
N PHE C 90 9.63 4.92 -16.02
CA PHE C 90 8.22 5.26 -16.02
C PHE C 90 7.85 5.93 -17.34
N TYR C 91 6.55 6.14 -17.53
CA TYR C 91 6.04 6.68 -18.79
C TYR C 91 4.66 7.25 -18.49
N ASP C 92 4.57 8.56 -18.37
CA ASP C 92 3.31 9.16 -17.93
C ASP C 92 3.28 10.62 -18.36
N LYS C 93 2.07 11.19 -18.35
CA LYS C 93 1.83 12.51 -18.88
C LYS C 93 1.67 13.58 -17.80
N VAL C 94 1.78 13.22 -16.53
CA VAL C 94 1.71 14.16 -15.42
C VAL C 94 3.08 14.23 -14.78
N PRO C 95 3.75 15.39 -14.76
CA PRO C 95 5.04 15.47 -14.09
C PRO C 95 4.92 15.22 -12.60
N THR C 96 6.02 14.75 -12.00
CA THR C 96 6.10 14.69 -10.55
C THR C 96 6.37 16.09 -9.98
N LYS C 97 6.03 16.25 -8.70
CA LYS C 97 5.98 17.58 -8.12
C LYS C 97 7.37 18.18 -7.92
N PHE C 98 8.35 17.35 -7.54
CA PHE C 98 9.63 17.84 -7.03
C PHE C 98 10.75 17.77 -8.06
N ALA C 99 10.45 17.44 -9.31
CA ALA C 99 11.47 17.42 -10.34
C ALA C 99 12.18 18.76 -10.43
N GLY C 100 13.51 18.73 -10.35
CA GLY C 100 14.28 19.96 -10.41
C GLY C 100 14.40 20.72 -9.11
N TYR C 101 13.74 20.29 -8.05
CA TYR C 101 13.87 21.00 -6.78
C TYR C 101 15.27 20.82 -6.22
N GLY C 102 15.87 21.91 -5.76
CA GLY C 102 17.03 21.85 -4.90
C GLY C 102 16.70 22.23 -3.47
N GLU C 103 17.76 22.49 -2.71
CA GLU C 103 17.61 22.83 -1.30
C GLU C 103 16.68 24.03 -1.12
N ALA C 104 16.83 25.06 -1.97
CA ALA C 104 16.07 26.28 -1.74
C ALA C 104 14.56 26.04 -1.89
N ALA C 105 14.17 25.30 -2.92
CA ALA C 105 12.75 25.03 -3.13
C ALA C 105 12.17 24.22 -1.97
N PHE C 106 12.89 23.21 -1.51
CA PHE C 106 12.37 22.38 -0.44
C PHE C 106 12.33 23.15 0.88
N LYS C 107 13.36 23.95 1.14
CA LYS C 107 13.38 24.74 2.38
C LYS C 107 12.20 25.70 2.41
N ALA C 108 11.87 26.29 1.26
CA ALA C 108 10.73 27.20 1.17
C ALA C 108 9.40 26.47 1.35
N GLY C 109 9.31 25.23 0.89
CA GLY C 109 8.06 24.49 1.05
C GLY C 109 7.78 24.14 2.50
N GLY C 110 8.82 23.84 3.27
CA GLY C 110 8.69 23.58 4.67
C GLY C 110 8.19 22.20 5.06
N TYR C 111 8.17 21.24 4.13
CA TYR C 111 7.70 19.88 4.40
C TYR C 111 8.84 18.90 4.19
N ARG C 112 8.58 17.64 4.54
CA ARG C 112 9.54 16.56 4.38
C ARG C 112 8.99 15.52 3.43
N VAL C 113 9.87 15.00 2.57
CA VAL C 113 9.52 13.98 1.58
C VAL C 113 10.47 12.80 1.81
N VAL C 114 9.95 11.75 2.44
CA VAL C 114 10.78 10.63 2.89
C VAL C 114 10.85 9.64 1.74
N PRO C 115 12.04 9.22 1.31
CA PRO C 115 12.11 8.28 0.17
C PRO C 115 11.42 6.97 0.50
N PRO C 116 10.64 6.38 -0.42
CA PRO C 116 10.37 6.80 -1.82
C PRO C 116 9.03 7.48 -2.09
N ALA C 117 8.60 8.38 -1.20
CA ALA C 117 7.37 9.12 -1.41
C ALA C 117 7.41 9.92 -2.72
N VAL C 118 6.27 10.01 -3.37
CA VAL C 118 6.12 10.76 -4.62
C VAL C 118 4.81 11.52 -4.58
N ALA C 119 4.82 12.72 -5.14
CA ALA C 119 3.60 13.50 -5.36
C ALA C 119 3.62 13.99 -6.79
N ARG C 120 2.42 14.18 -7.36
CA ARG C 120 2.33 14.79 -8.67
C ARG C 120 2.31 16.31 -8.60
N ARG C 121 2.84 16.94 -9.66
CA ARG C 121 2.68 18.38 -9.84
C ARG C 121 1.20 18.73 -9.85
N GLY C 122 0.84 19.78 -9.15
CA GLY C 122 -0.54 20.16 -9.01
C GLY C 122 -1.17 19.73 -7.71
N ALA C 123 -0.41 19.09 -6.83
CA ALA C 123 -0.83 18.82 -5.47
C ALA C 123 -0.14 19.84 -4.58
N PHE C 124 -0.90 20.42 -3.64
CA PHE C 124 -0.36 21.34 -2.67
C PHE C 124 0.02 20.60 -1.40
N ILE C 125 1.25 20.82 -0.93
CA ILE C 125 1.74 20.26 0.33
C ILE C 125 2.15 21.45 1.20
N ALA C 126 1.49 21.60 2.34
CA ALA C 126 1.70 22.73 3.24
C ALA C 126 2.95 22.53 4.11
N ARG C 127 3.32 23.62 4.81
CA ARG C 127 4.42 23.59 5.75
C ARG C 127 4.17 22.56 6.84
N ASN C 128 5.26 21.95 7.32
CA ASN C 128 5.23 21.02 8.45
C ASN C 128 4.50 19.72 8.15
N VAL C 129 4.21 19.45 6.90
CA VAL C 129 3.71 18.13 6.52
C VAL C 129 4.88 17.16 6.47
N VAL C 130 4.64 15.91 6.87
CA VAL C 130 5.59 14.83 6.66
C VAL C 130 4.95 13.81 5.72
N LEU C 131 5.56 13.62 4.56
CA LEU C 131 5.18 12.55 3.65
C LEU C 131 6.14 11.40 3.89
N MET C 132 5.69 10.41 4.67
CA MET C 132 6.37 9.12 4.68
C MET C 132 6.16 8.52 3.30
N PRO C 133 6.78 7.39 2.99
CA PRO C 133 6.57 6.80 1.66
C PRO C 133 5.07 6.70 1.39
N SER C 134 4.58 7.35 0.34
CA SER C 134 3.16 7.59 0.18
C SER C 134 2.98 8.21 -1.19
N TYR C 135 1.73 8.45 -1.57
CA TYR C 135 1.44 9.10 -2.85
C TYR C 135 0.40 10.18 -2.65
N VAL C 136 0.64 11.33 -3.29
CA VAL C 136 -0.32 12.44 -3.30
C VAL C 136 -0.58 12.79 -4.76
N ASN C 137 -1.82 12.66 -5.18
CA ASN C 137 -2.22 12.85 -6.58
C ASN C 137 -2.58 14.30 -6.86
N ILE C 138 -2.68 14.60 -8.17
CA ILE C 138 -2.96 15.96 -8.63
C ILE C 138 -4.26 16.50 -8.08
N GLY C 139 -4.25 17.78 -7.75
CA GLY C 139 -5.40 18.48 -7.22
C GLY C 139 -5.62 18.32 -5.74
N ALA C 140 -4.87 17.45 -5.08
CA ALA C 140 -5.01 17.31 -3.64
C ALA C 140 -4.41 18.51 -2.94
N TYR C 141 -4.92 18.74 -1.74
CA TYR C 141 -4.49 19.84 -0.87
C TYR C 141 -4.27 19.23 0.50
N VAL C 142 -3.03 19.27 0.98
CA VAL C 142 -2.65 18.66 2.26
C VAL C 142 -2.16 19.79 3.15
N ASP C 143 -2.97 20.13 4.16
CA ASP C 143 -2.74 21.34 4.94
C ASP C 143 -1.73 21.12 6.08
N GLU C 144 -1.42 22.23 6.75
CA GLU C 144 -0.24 22.34 7.60
C GLU C 144 -0.24 21.30 8.71
N GLY C 145 0.94 20.71 8.95
CA GLY C 145 1.17 19.84 10.08
C GLY C 145 0.67 18.42 9.94
N THR C 146 0.12 18.05 8.79
CA THR C 146 -0.45 16.75 8.59
C THR C 146 0.62 15.70 8.33
N MET C 147 0.39 14.51 8.86
CA MET C 147 1.27 13.37 8.70
C MET C 147 0.60 12.39 7.74
N VAL C 148 1.29 12.07 6.65
CA VAL C 148 0.87 11.06 5.68
C VAL C 148 1.81 9.88 5.87
N ASP C 149 1.29 8.80 6.45
CA ASP C 149 2.14 7.70 6.88
C ASP C 149 2.36 6.68 5.75
N THR C 150 3.09 5.62 6.06
CA THR C 150 3.68 4.76 5.04
C THR C 150 2.61 4.01 4.25
N TRP C 151 2.73 4.12 2.93
CA TRP C 151 1.82 3.52 1.94
C TRP C 151 0.40 4.07 2.05
N ALA C 152 0.25 5.28 2.58
CA ALA C 152 -1.00 6.02 2.46
C ALA C 152 -1.08 6.70 1.11
N THR C 153 -2.30 7.07 0.71
CA THR C 153 -2.62 7.70 -0.57
C THR C 153 -3.58 8.86 -0.34
N VAL C 154 -3.26 10.01 -0.89
CA VAL C 154 -4.20 11.13 -0.97
C VAL C 154 -4.57 11.28 -2.44
N GLY C 155 -5.80 10.89 -2.77
CA GLY C 155 -6.26 10.85 -4.15
C GLY C 155 -6.56 12.21 -4.73
N SER C 156 -6.88 12.18 -6.01
CA SER C 156 -7.06 13.42 -6.75
CA SER C 156 -7.07 13.42 -6.75
CA SER C 156 -7.06 13.43 -6.74
C SER C 156 -8.16 14.29 -6.13
N CYS C 157 -7.83 15.57 -5.98
CA CYS C 157 -8.72 16.61 -5.50
C CYS C 157 -9.07 16.53 -4.02
N ALA C 158 -8.59 15.51 -3.31
CA ALA C 158 -8.95 15.37 -1.91
C ALA C 158 -8.42 16.56 -1.11
N GLN C 159 -9.19 16.97 -0.12
CA GLN C 159 -8.85 18.07 0.76
C GLN C 159 -8.58 17.50 2.15
N ILE C 160 -7.33 17.61 2.60
CA ILE C 160 -6.89 17.13 3.91
C ILE C 160 -6.59 18.36 4.76
N GLY C 161 -7.20 18.43 5.94
CA GLY C 161 -7.07 19.59 6.79
C GLY C 161 -5.76 19.65 7.53
N LYS C 162 -5.71 20.57 8.49
CA LYS C 162 -4.51 20.78 9.31
C LYS C 162 -4.44 19.75 10.42
N ASN C 163 -3.20 19.36 10.75
CA ASN C 163 -2.94 18.47 11.88
C ASN C 163 -3.74 17.17 11.79
N VAL C 164 -3.88 16.66 10.57
CA VAL C 164 -4.52 15.37 10.31
C VAL C 164 -3.44 14.30 10.38
N HIS C 165 -3.81 13.12 10.87
CA HIS C 165 -2.93 11.96 10.87
C HIS C 165 -3.58 10.91 9.97
N LEU C 166 -3.01 10.71 8.77
CA LEU C 166 -3.38 9.59 7.91
C LEU C 166 -2.43 8.44 8.22
N SER C 167 -2.90 7.42 8.91
CA SER C 167 -2.06 6.34 9.36
C SER C 167 -1.65 5.42 8.20
N GLY C 168 -0.88 4.39 8.56
CA GLY C 168 -0.29 3.55 7.52
C GLY C 168 -1.35 2.91 6.65
N GLY C 169 -1.10 2.92 5.35
CA GLY C 169 -1.99 2.26 4.42
C GLY C 169 -3.37 2.89 4.29
N VAL C 170 -3.56 4.13 4.74
CA VAL C 170 -4.85 4.81 4.57
C VAL C 170 -4.98 5.31 3.15
N GLY C 171 -6.16 5.11 2.58
CA GLY C 171 -6.46 5.71 1.29
C GLY C 171 -7.60 6.70 1.32
N ILE C 172 -7.37 7.86 0.73
CA ILE C 172 -8.37 8.91 0.57
C ILE C 172 -8.68 8.99 -0.92
N GLY C 173 -9.92 8.64 -1.29
CA GLY C 173 -10.24 8.41 -2.67
C GLY C 173 -10.34 9.67 -3.49
N GLY C 174 -9.90 9.55 -4.75
CA GLY C 174 -9.98 10.67 -5.66
C GLY C 174 -11.39 10.86 -6.21
N VAL C 175 -11.67 12.11 -6.53
CA VAL C 175 -12.91 12.51 -7.18
C VAL C 175 -12.54 13.60 -8.16
N LEU C 176 -12.45 13.26 -9.42
CA LEU C 176 -12.30 14.26 -10.48
CA LEU C 176 -12.29 14.26 -10.48
C LEU C 176 -13.59 14.34 -11.28
N GLU C 177 -14.00 13.29 -11.86
CA GLU C 177 -15.35 13.21 -12.40
C GLU C 177 -16.27 12.66 -11.33
N PRO C 178 -17.55 13.04 -11.27
CA PRO C 178 -18.24 14.05 -12.08
C PRO C 178 -17.80 15.47 -11.68
N LEU C 179 -17.89 16.41 -12.61
CA LEU C 179 -17.38 17.77 -12.35
C LEU C 179 -18.03 18.38 -11.11
N GLN C 180 -19.32 18.14 -10.91
CA GLN C 180 -20.03 18.82 -9.83
C GLN C 180 -19.80 18.19 -8.46
N ALA C 181 -19.19 17.02 -8.39
CA ALA C 181 -19.11 16.29 -7.13
C ALA C 181 -18.01 16.87 -6.25
N ASN C 182 -18.32 17.07 -4.97
CA ASN C 182 -17.29 17.52 -4.06
CA ASN C 182 -17.31 17.50 -4.00
C ASN C 182 -16.26 16.40 -3.83
N PRO C 183 -15.01 16.76 -3.61
CA PRO C 183 -13.99 15.73 -3.39
C PRO C 183 -14.12 15.16 -1.97
N THR C 184 -13.38 14.08 -1.74
CA THR C 184 -13.30 13.53 -0.40
C THR C 184 -12.60 14.53 0.50
N ILE C 185 -13.14 14.73 1.71
CA ILE C 185 -12.68 15.75 2.63
C ILE C 185 -12.42 15.14 4.00
N ILE C 186 -11.23 15.38 4.52
CA ILE C 186 -10.86 15.04 5.89
C ILE C 186 -10.54 16.38 6.56
N GLU C 187 -11.37 16.78 7.53
CA GLU C 187 -11.23 18.10 8.14
C GLU C 187 -10.15 18.09 9.21
N ASP C 188 -9.91 19.28 9.77
CA ASP C 188 -8.80 19.48 10.69
C ASP C 188 -8.85 18.51 11.87
N ASN C 189 -7.66 18.10 12.31
CA ASN C 189 -7.43 17.41 13.57
C ASN C 189 -7.97 15.98 13.58
N CYS C 190 -8.28 15.42 12.43
CA CYS C 190 -8.77 14.05 12.39
C CYS C 190 -7.62 13.05 12.47
N PHE C 191 -7.92 11.90 13.06
CA PHE C 191 -7.02 10.76 13.12
C PHE C 191 -7.70 9.65 12.34
N ILE C 192 -7.04 9.17 11.26
CA ILE C 192 -7.59 8.12 10.41
C ILE C 192 -6.73 6.88 10.62
N GLY C 193 -7.30 5.86 11.28
CA GLY C 193 -6.51 4.70 11.65
C GLY C 193 -6.08 3.86 10.46
N ALA C 194 -5.03 3.09 10.71
CA ALA C 194 -4.36 2.31 9.66
C ALA C 194 -5.36 1.46 8.89
N ARG C 195 -5.10 1.38 7.57
CA ARG C 195 -5.84 0.58 6.60
CA ARG C 195 -5.84 0.59 6.58
C ARG C 195 -7.22 1.15 6.27
N SER C 196 -7.66 2.21 6.93
CA SER C 196 -8.95 2.78 6.62
C SER C 196 -8.96 3.40 5.22
N GLU C 197 -10.16 3.54 4.68
CA GLU C 197 -10.35 4.10 3.35
C GLU C 197 -11.58 5.00 3.41
N VAL C 198 -11.46 6.19 2.84
CA VAL C 198 -12.55 7.17 2.80
C VAL C 198 -12.58 7.64 1.36
N VAL C 199 -13.70 7.40 0.66
CA VAL C 199 -13.77 7.61 -0.78
C VAL C 199 -15.04 8.35 -1.18
N GLU C 200 -15.07 8.74 -2.45
CA GLU C 200 -16.32 9.12 -3.12
C GLU C 200 -16.97 10.34 -2.45
N GLY C 201 -16.15 11.26 -1.99
CA GLY C 201 -16.67 12.51 -1.46
C GLY C 201 -17.28 12.44 -0.08
N VAL C 202 -17.06 11.34 0.63
CA VAL C 202 -17.39 11.31 2.05
C VAL C 202 -16.68 12.45 2.74
N VAL C 203 -17.35 13.05 3.71
CA VAL C 203 -16.76 14.11 4.53
C VAL C 203 -16.58 13.58 5.94
N VAL C 204 -15.35 13.65 6.44
CA VAL C 204 -15.06 13.36 7.84
C VAL C 204 -14.84 14.71 8.50
N GLU C 205 -15.76 15.09 9.38
CA GLU C 205 -15.73 16.41 9.99
C GLU C 205 -14.67 16.48 11.09
N GLU C 206 -14.39 17.71 11.51
CA GLU C 206 -13.19 17.97 12.30
C GLU C 206 -13.23 17.20 13.63
N ASN C 207 -12.03 16.86 14.11
CA ASN C 207 -11.81 16.25 15.42
C ASN C 207 -12.32 14.82 15.51
N SER C 208 -12.56 14.17 14.38
CA SER C 208 -13.05 12.81 14.39
C SER C 208 -11.89 11.83 14.44
N VAL C 209 -12.20 10.61 14.85
CA VAL C 209 -11.24 9.53 14.99
C VAL C 209 -11.84 8.29 14.34
N LEU C 210 -11.13 7.73 13.37
CA LEU C 210 -11.49 6.45 12.77
C LEU C 210 -10.48 5.42 13.27
N ALA C 211 -11.00 4.32 13.82
CA ALA C 211 -10.17 3.19 14.20
C ALA C 211 -9.56 2.57 12.94
N MET C 212 -8.67 1.59 13.15
CA MET C 212 -8.15 0.85 12.00
C MET C 212 -9.29 0.15 11.26
N GLY C 213 -9.14 0.11 9.94
CA GLY C 213 -10.04 -0.75 9.17
C GLY C 213 -11.44 -0.23 8.99
N VAL C 214 -11.64 1.07 8.99
CA VAL C 214 -12.95 1.67 8.71
C VAL C 214 -12.97 2.05 7.24
N PHE C 215 -13.94 1.53 6.49
CA PHE C 215 -14.05 1.78 5.06
C PHE C 215 -15.35 2.54 4.81
N LEU C 216 -15.23 3.75 4.28
CA LEU C 216 -16.38 4.62 4.07
C LEU C 216 -16.50 5.03 2.61
N SER C 217 -17.63 4.74 2.00
CA SER C 217 -18.02 5.27 0.71
C SER C 217 -19.41 5.86 0.89
N GLN C 218 -20.01 6.36 -0.19
CA GLN C 218 -21.38 6.86 -0.08
C GLN C 218 -22.37 5.75 0.23
N SER C 219 -22.00 4.49 0.02
CA SER C 219 -22.92 3.37 0.22
C SER C 219 -22.80 2.71 1.59
N THR C 220 -21.80 3.10 2.37
CA THR C 220 -21.54 2.49 3.66
C THR C 220 -22.54 2.99 4.69
N LYS C 221 -23.19 2.06 5.39
CA LYS C 221 -24.02 2.47 6.53
C LYS C 221 -23.15 2.98 7.67
N ILE C 222 -23.49 4.17 8.17
CA ILE C 222 -22.89 4.75 9.36
C ILE C 222 -23.94 4.65 10.47
N TYR C 223 -23.72 3.73 11.39
CA TYR C 223 -24.66 3.42 12.46
C TYR C 223 -24.27 4.16 13.73
N ASP C 224 -25.15 5.05 14.20
CA ASP C 224 -24.91 5.81 15.42
C ASP C 224 -25.40 4.97 16.58
N ARG C 225 -24.48 4.48 17.41
CA ARG C 225 -24.86 3.56 18.47
C ARG C 225 -25.80 4.23 19.47
N ALA C 226 -25.63 5.53 19.70
CA ALA C 226 -26.44 6.22 20.71
C ALA C 226 -27.90 6.33 20.29
N THR C 227 -28.16 6.51 18.99
CA THR C 227 -29.52 6.74 18.52
C THR C 227 -30.12 5.56 17.78
N GLY C 228 -29.31 4.60 17.33
CA GLY C 228 -29.79 3.56 16.46
C GLY C 228 -30.01 3.97 15.02
N LYS C 229 -29.68 5.20 14.66
CA LYS C 229 -29.95 5.73 13.33
C LYS C 229 -28.82 5.37 12.38
N VAL C 230 -29.19 5.13 11.12
CA VAL C 230 -28.23 4.88 10.05
C VAL C 230 -28.22 6.10 9.14
N SER C 231 -27.03 6.57 8.78
CA SER C 231 -26.87 7.66 7.85
C SER C 231 -25.74 7.31 6.88
N TYR C 232 -25.55 8.19 5.90
CA TYR C 232 -24.59 7.95 4.83
C TYR C 232 -23.84 9.23 4.51
N GLY C 233 -22.55 9.08 4.26
CA GLY C 233 -21.79 10.09 3.56
C GLY C 233 -21.05 11.09 4.40
N ARG C 234 -21.20 11.05 5.72
CA ARG C 234 -20.66 12.11 6.57
C ARG C 234 -20.43 11.59 7.97
N VAL C 235 -19.24 11.85 8.51
CA VAL C 235 -18.91 11.58 9.91
C VAL C 235 -19.02 12.89 10.66
N PRO C 236 -19.98 13.05 11.57
CA PRO C 236 -20.11 14.31 12.30
C PRO C 236 -18.89 14.61 13.17
N SER C 237 -18.65 15.91 13.38
CA SER C 237 -17.46 16.33 14.11
C SER C 237 -17.39 15.67 15.48
N GLY C 238 -16.18 15.25 15.84
CA GLY C 238 -15.93 14.66 17.14
C GLY C 238 -16.27 13.19 17.25
N SER C 239 -16.70 12.55 16.17
CA SER C 239 -17.15 11.18 16.24
C SER C 239 -15.96 10.24 16.34
N VAL C 240 -16.09 9.21 17.15
CA VAL C 240 -15.19 8.07 17.16
C VAL C 240 -15.90 6.94 16.43
N VAL C 241 -15.28 6.43 15.34
CA VAL C 241 -15.89 5.48 14.44
C VAL C 241 -15.06 4.21 14.43
N VAL C 242 -15.71 3.07 14.59
CA VAL C 242 -15.02 1.77 14.60
C VAL C 242 -15.75 0.84 13.66
N PRO C 243 -15.09 -0.22 13.22
CA PRO C 243 -15.80 -1.23 12.42
C PRO C 243 -16.76 -2.06 13.25
N GLY C 244 -17.92 -2.32 12.67
CA GLY C 244 -18.90 -3.16 13.32
C GLY C 244 -19.79 -3.78 12.27
N SER C 245 -20.99 -4.16 12.70
CA SER C 245 -21.91 -4.78 11.76
C SER C 245 -23.34 -4.68 12.29
N LEU C 246 -24.27 -4.93 11.40
CA LEU C 246 -25.68 -4.97 11.73
C LEU C 246 -26.24 -6.32 11.32
N PRO C 247 -27.10 -6.91 12.15
CA PRO C 247 -27.62 -8.24 11.86
C PRO C 247 -28.76 -8.23 10.86
N SER C 248 -28.84 -9.31 10.09
CA SER C 248 -29.96 -9.50 9.19
C SER C 248 -31.25 -9.75 9.99
N GLU C 249 -32.38 -9.52 9.34
CA GLU C 249 -33.66 -9.67 10.03
C GLU C 249 -33.85 -11.09 10.55
N ASP C 250 -33.37 -12.10 9.84
CA ASP C 250 -33.58 -13.48 10.25
C ASP C 250 -32.45 -14.01 11.14
N GLY C 251 -31.46 -13.19 11.43
CA GLY C 251 -30.39 -13.54 12.34
C GLY C 251 -29.35 -14.48 11.78
N SER C 252 -29.40 -14.80 10.48
CA SER C 252 -28.49 -15.78 9.91
C SER C 252 -27.11 -15.21 9.63
N HIS C 253 -26.97 -13.88 9.51
CA HIS C 253 -25.70 -13.26 9.16
C HIS C 253 -25.77 -11.78 9.50
N SER C 254 -24.62 -11.11 9.37
CA SER C 254 -24.53 -9.68 9.50
C SER C 254 -23.75 -9.11 8.31
N LEU C 255 -23.91 -7.82 8.08
CA LEU C 255 -23.18 -7.06 7.09
C LEU C 255 -22.37 -5.98 7.81
N ALA C 256 -21.12 -5.81 7.41
CA ALA C 256 -20.26 -4.84 8.05
C ALA C 256 -20.73 -3.41 7.81
N CYS C 257 -20.45 -2.54 8.77
CA CYS C 257 -20.77 -1.13 8.67
C CYS C 257 -19.78 -0.37 9.54
N ALA C 258 -19.88 0.95 9.52
CA ALA C 258 -19.18 1.81 10.45
C ALA C 258 -20.09 2.11 11.62
N VAL C 259 -19.54 2.11 12.84
CA VAL C 259 -20.31 2.36 14.05
C VAL C 259 -19.70 3.55 14.75
N ILE C 260 -20.51 4.57 15.02
CA ILE C 260 -20.09 5.70 15.85
C ILE C 260 -20.34 5.28 17.30
N VAL C 261 -19.27 5.11 18.07
CA VAL C 261 -19.37 4.62 19.44
C VAL C 261 -19.42 5.76 20.47
N LYS C 262 -18.97 6.95 20.10
CA LYS C 262 -19.07 8.10 21.00
C LYS C 262 -18.71 9.34 20.21
N ARG C 263 -19.01 10.50 20.79
CA ARG C 263 -18.82 11.76 20.09
C ARG C 263 -18.37 12.79 21.11
N VAL C 264 -17.19 13.38 20.89
CA VAL C 264 -16.57 14.29 21.86
C VAL C 264 -16.66 15.74 21.38
#